data_7PJJ
#
_entry.id   7PJJ
#
_cell.length_a   109.62
_cell.length_b   109.62
_cell.length_c   164.18
_cell.angle_alpha   90
_cell.angle_beta   90
_cell.angle_gamma   120
#
_symmetry.space_group_name_H-M   'P 31 2 1'
#
loop_
_entity.id
_entity.type
_entity.pdbx_description
1 polymer Beta-glucosidase
2 non-polymer GLYCEROL
3 water water
#
_entity_poly.entity_id   1
_entity_poly.type   'polypeptide(L)'
_entity_poly.pdbx_seq_one_letter_code
;MAATPGTRTTPADEAREAAVEKALAALDLDAKARLLSGQDMWTLPALPEIGLASLVMSDGPIGVRGVRWTADDPSVALPS
PTALAATWDPGLARRAGVLLAQEARRKGVHVLLAPTVNLHRSPLGGRHFEAYSEDPYLTGEIGSGYVTGVQAGGVGTTVK
HFVANDAETDRFTVNNLVSARALRELYLAPFEAIVANAHPWGIMTAYNQVNGSTMTEHRYLVNEVLRGEWGFDGFNVSDW
LAARSTTGALTGGLDVAMPGPATVYGEPLAAAVRAGEVTESLLDEAVRRVLRLAARVGILEGAAPAVTELPAPVDGEALA
REIARRSFVLVRNEVRDGRAALPLEQGATVALIGAAARDARVLGGGSATVFPARVVSPLDGLTAALPEGAPTYALGADPN
EELAVADTGFTLRAVCRDASGTVIGTRSAPNGHIQWMGSDLPDGVTHATLHSVELTGTFTPRETGTHTFGVKGLGAYTLT
VDGTTHFDGVRTTDTDDPFVSFFGAPVPLAEVELTEGTPLEVSLTHVVELAADAPITMLAFSLCHQEPQRDPDELIAEAV
EAARAADTAVVVVATTERVESEGFDRKDLRLPGRQDDLVRAVAAANPATVVVVNAGSPVELPWREDVAAVLLTWFPGQEG
GAALAEVLTGAHEPGGRLPTTWGSLTGAPVTQVTPTAGELVYDEGVFIGYRAWDKEDRTPTYPFGHGLGYTDWTYESLDV
TGTTATVRVRNTGTREGRETVQLYLAPTTADENRPTRWLAGFATVEAAPGETAEAVVRLPRRAFEIWDETTGAWVYVTGS
YEVAAGRSIADRRTRVTIEAPKLAAALEHHHHHH
;
_entity_poly.pdbx_strand_id   A
#
loop_
_chem_comp.id
_chem_comp.type
_chem_comp.name
_chem_comp.formula
GOL non-polymer GLYCEROL 'C3 H8 O3'
#
# COMPACT_ATOMS: atom_id res chain seq x y z
N THR A 10 -7.44 31.55 4.57
CA THR A 10 -8.86 31.24 4.34
C THR A 10 -9.56 32.43 3.64
N PRO A 11 -9.09 32.87 2.46
CA PRO A 11 -9.71 34.03 1.78
C PRO A 11 -10.85 33.62 0.87
N ALA A 12 -10.56 32.75 -0.12
CA ALA A 12 -11.56 32.18 -1.02
C ALA A 12 -12.37 31.08 -0.30
N ASP A 13 -11.82 30.48 0.78
CA ASP A 13 -12.54 29.48 1.55
C ASP A 13 -13.77 30.11 2.19
N GLU A 14 -13.71 31.40 2.61
CA GLU A 14 -14.88 32.05 3.20
C GLU A 14 -16.00 32.16 2.16
N ALA A 15 -15.64 32.56 0.92
CA ALA A 15 -16.59 32.68 -0.19
C ALA A 15 -17.14 31.31 -0.58
N ARG A 16 -16.28 30.28 -0.54
CA ARG A 16 -16.63 28.88 -0.85
C ARG A 16 -17.63 28.35 0.21
N GLU A 17 -17.30 28.51 1.51
CA GLU A 17 -18.18 28.06 2.60
C GLU A 17 -19.50 28.83 2.62
N ALA A 18 -19.60 30.00 1.95
CA ALA A 18 -20.86 30.74 1.81
C ALA A 18 -21.77 30.03 0.80
N ALA A 19 -21.18 29.48 -0.28
CA ALA A 19 -21.92 28.72 -1.28
C ALA A 19 -22.39 27.37 -0.71
N VAL A 20 -21.64 26.80 0.25
CA VAL A 20 -21.99 25.55 0.94
C VAL A 20 -23.23 25.80 1.79
N GLU A 21 -23.23 26.92 2.55
CA GLU A 21 -24.36 27.31 3.41
C GLU A 21 -25.64 27.52 2.61
N LYS A 22 -25.53 28.17 1.43
CA LYS A 22 -26.67 28.40 0.54
C LYS A 22 -27.25 27.06 0.05
N ALA A 23 -26.36 26.11 -0.31
CA ALA A 23 -26.73 24.80 -0.79
C ALA A 23 -27.39 23.98 0.32
N LEU A 24 -26.83 24.02 1.52
CA LEU A 24 -27.40 23.29 2.66
C LEU A 24 -28.83 23.77 2.95
N ALA A 25 -29.06 25.11 2.87
CA ALA A 25 -30.37 25.72 3.10
C ALA A 25 -31.38 25.30 2.03
N ALA A 26 -30.97 25.26 0.76
CA ALA A 26 -31.83 24.86 -0.34
C ALA A 26 -32.39 23.43 -0.19
N LEU A 27 -31.53 22.45 0.19
CA LEU A 27 -31.92 21.04 0.34
C LEU A 27 -32.97 20.79 1.42
N ASP A 28 -33.80 19.76 1.23
CA ASP A 28 -34.81 19.31 2.20
C ASP A 28 -34.34 18.00 2.90
N LEU A 29 -34.94 17.68 4.06
CA LEU A 29 -34.58 16.50 4.85
C LEU A 29 -34.36 15.22 4.04
N ASP A 30 -35.18 14.97 3.02
CA ASP A 30 -35.05 13.76 2.20
C ASP A 30 -33.83 13.77 1.27
N ALA A 31 -33.43 14.94 0.77
CA ALA A 31 -32.26 15.07 -0.08
C ALA A 31 -30.99 15.09 0.78
N LYS A 32 -31.04 15.72 1.99
CA LYS A 32 -29.93 15.81 2.94
C LYS A 32 -29.47 14.40 3.37
N ALA A 33 -30.41 13.55 3.77
CA ALA A 33 -30.11 12.19 4.18
C ALA A 33 -29.66 11.30 3.01
N ARG A 34 -30.13 11.61 1.79
CA ARG A 34 -29.83 10.87 0.56
C ARG A 34 -28.39 11.05 0.17
N LEU A 35 -27.90 12.30 0.23
CA LEU A 35 -26.54 12.68 -0.13
C LEU A 35 -25.49 11.91 0.66
N LEU A 36 -25.70 11.75 1.99
CA LEU A 36 -24.76 11.01 2.85
C LEU A 36 -24.71 9.51 2.59
N SER A 37 -25.70 8.97 1.89
CA SER A 37 -25.78 7.56 1.53
C SER A 37 -25.14 7.37 0.15
N GLY A 38 -24.41 6.29 -0.03
CA GLY A 38 -23.82 6.00 -1.34
C GLY A 38 -24.85 5.71 -2.42
N GLN A 39 -24.40 5.68 -3.69
CA GLN A 39 -25.28 5.40 -4.84
C GLN A 39 -24.81 4.05 -5.45
N ASP A 40 -23.57 3.98 -5.94
CA ASP A 40 -22.98 2.79 -6.57
C ASP A 40 -21.93 2.20 -5.57
N MET A 41 -21.01 1.36 -6.09
CA MET A 41 -19.86 0.86 -5.34
C MET A 41 -18.86 2.01 -5.09
N TRP A 42 -18.85 3.08 -5.94
CA TRP A 42 -17.90 4.17 -5.91
C TRP A 42 -18.43 5.59 -5.87
N THR A 43 -19.71 5.85 -6.20
CA THR A 43 -20.16 7.23 -6.29
C THR A 43 -21.42 7.57 -5.49
N LEU A 44 -21.54 8.88 -5.11
CA LEU A 44 -22.69 9.45 -4.38
C LEU A 44 -23.77 9.95 -5.32
N PRO A 45 -25.05 10.08 -4.87
CA PRO A 45 -26.08 10.66 -5.75
C PRO A 45 -25.77 12.10 -6.16
N ALA A 46 -26.36 12.55 -7.28
CA ALA A 46 -26.21 13.93 -7.75
C ALA A 46 -27.45 14.75 -7.42
N LEU A 47 -27.30 16.06 -7.26
CA LEU A 47 -28.42 16.94 -6.94
C LEU A 47 -28.44 18.14 -7.89
N PRO A 48 -29.09 18.02 -9.09
CA PRO A 48 -29.16 19.17 -10.00
C PRO A 48 -29.97 20.34 -9.44
N GLU A 49 -30.87 20.10 -8.45
CA GLU A 49 -31.61 21.15 -7.76
C GLU A 49 -30.67 22.17 -7.10
N ILE A 50 -29.44 21.75 -6.74
CA ILE A 50 -28.43 22.64 -6.17
C ILE A 50 -27.10 22.68 -6.99
N GLY A 51 -27.12 22.12 -8.21
CA GLY A 51 -25.97 22.12 -9.09
C GLY A 51 -24.83 21.22 -8.65
N LEU A 52 -25.14 20.12 -7.96
CA LEU A 52 -24.13 19.21 -7.47
C LEU A 52 -24.03 17.97 -8.35
N ALA A 53 -22.82 17.64 -8.78
CA ALA A 53 -22.58 16.46 -9.60
C ALA A 53 -22.34 15.21 -8.70
N SER A 54 -22.32 14.00 -9.28
CA SER A 54 -22.12 12.77 -8.52
C SER A 54 -20.66 12.68 -8.11
N LEU A 55 -20.37 12.50 -6.78
CA LEU A 55 -18.99 12.42 -6.29
C LEU A 55 -18.39 11.07 -6.61
N VAL A 56 -17.40 11.02 -7.51
CA VAL A 56 -16.76 9.76 -7.85
C VAL A 56 -15.55 9.56 -6.93
N MET A 57 -15.49 8.39 -6.26
CA MET A 57 -14.38 7.97 -5.40
C MET A 57 -13.73 6.73 -6.00
N SER A 58 -12.44 6.51 -5.74
CA SER A 58 -11.76 5.33 -6.29
C SER A 58 -10.43 5.04 -5.61
N ASP A 59 -10.01 3.77 -5.65
CA ASP A 59 -8.72 3.32 -5.14
C ASP A 59 -7.65 3.64 -6.21
N GLY A 60 -6.42 3.94 -5.82
CA GLY A 60 -5.97 4.01 -4.44
C GLY A 60 -4.51 4.37 -4.35
N PRO A 61 -3.76 3.77 -3.40
CA PRO A 61 -2.35 4.19 -3.20
C PRO A 61 -1.39 4.19 -4.43
N ILE A 62 -1.32 3.11 -5.25
CA ILE A 62 -0.35 3.06 -6.36
C ILE A 62 -0.89 3.47 -7.73
N GLY A 63 -2.19 3.66 -7.87
CA GLY A 63 -2.78 4.03 -9.15
C GLY A 63 -4.27 4.20 -9.04
N VAL A 64 -4.88 4.93 -9.96
CA VAL A 64 -6.32 5.18 -9.91
C VAL A 64 -7.06 4.17 -10.82
N ARG A 65 -8.07 3.46 -10.31
CA ARG A 65 -8.82 2.46 -11.10
C ARG A 65 -9.96 3.08 -11.89
N GLY A 66 -10.72 3.96 -11.24
CA GLY A 66 -11.91 4.56 -11.82
C GLY A 66 -13.09 3.69 -11.49
N VAL A 67 -13.97 3.44 -12.47
CA VAL A 67 -15.13 2.56 -12.27
C VAL A 67 -15.00 1.29 -13.16
N ARG A 68 -13.74 0.79 -13.33
CA ARG A 68 -13.36 -0.34 -14.18
C ARG A 68 -13.71 -0.05 -15.66
N TRP A 69 -13.61 1.23 -16.07
CA TRP A 69 -13.86 1.65 -17.46
C TRP A 69 -13.08 2.92 -17.80
N PRO A 74 -6.01 2.55 -19.40
CA PRO A 74 -5.78 1.86 -18.12
C PRO A 74 -5.05 2.78 -17.12
N SER A 75 -4.70 2.25 -15.96
CA SER A 75 -4.08 3.03 -14.89
C SER A 75 -2.54 2.96 -14.95
N VAL A 76 -1.85 3.83 -14.18
CA VAL A 76 -0.39 3.83 -14.03
C VAL A 76 -0.15 3.16 -12.68
N ALA A 77 0.59 2.03 -12.68
CA ALA A 77 0.90 1.27 -11.48
C ALA A 77 2.28 1.65 -10.94
N LEU A 78 2.30 2.41 -9.86
CA LEU A 78 3.53 2.88 -9.23
C LEU A 78 4.11 1.81 -8.29
N PRO A 79 5.35 1.96 -7.78
CA PRO A 79 5.85 1.03 -6.76
C PRO A 79 5.02 1.11 -5.46
N SER A 80 4.95 0.01 -4.69
CA SER A 80 4.17 -0.08 -3.46
C SER A 80 4.43 1.08 -2.49
N PRO A 81 3.44 1.43 -1.62
CA PRO A 81 3.68 2.51 -0.65
C PRO A 81 4.95 2.39 0.22
N THR A 82 5.32 1.19 0.75
CA THR A 82 6.57 1.07 1.53
C THR A 82 7.78 1.43 0.65
N ALA A 83 7.70 1.13 -0.67
CA ALA A 83 8.75 1.47 -1.62
C ALA A 83 8.89 3.01 -1.68
N LEU A 84 7.77 3.74 -1.74
CA LEU A 84 7.80 5.20 -1.74
C LEU A 84 8.41 5.71 -0.43
N ALA A 85 8.07 5.07 0.69
CA ALA A 85 8.61 5.46 1.99
C ALA A 85 10.09 5.09 2.16
N ALA A 86 10.55 4.02 1.49
CA ALA A 86 11.95 3.63 1.53
C ALA A 86 12.83 4.71 0.84
N THR A 87 12.27 5.53 -0.11
CA THR A 87 13.06 6.60 -0.73
C THR A 87 13.42 7.70 0.29
N TRP A 88 12.72 7.76 1.48
CA TRP A 88 12.88 8.79 2.52
C TRP A 88 12.73 10.21 1.93
N ASP A 89 12.03 10.36 0.79
CA ASP A 89 11.91 11.67 0.16
C ASP A 89 10.47 12.11 0.03
N PRO A 90 9.96 12.96 0.95
CA PRO A 90 8.58 13.47 0.80
C PRO A 90 8.34 14.39 -0.43
N GLY A 91 9.41 14.82 -1.08
CA GLY A 91 9.31 15.56 -2.34
C GLY A 91 8.95 14.61 -3.46
N LEU A 92 9.44 13.34 -3.41
CA LEU A 92 9.06 12.31 -4.36
C LEU A 92 7.59 11.99 -4.08
N ALA A 93 7.19 11.79 -2.81
CA ALA A 93 5.78 11.53 -2.48
C ALA A 93 4.87 12.68 -2.95
N ARG A 94 5.36 13.92 -2.95
CA ARG A 94 4.58 15.05 -3.47
C ARG A 94 4.39 14.88 -4.97
N ARG A 95 5.47 14.52 -5.70
CA ARG A 95 5.40 14.32 -7.14
C ARG A 95 4.53 13.12 -7.48
N ALA A 96 4.58 12.05 -6.66
CA ALA A 96 3.78 10.84 -6.81
C ALA A 96 2.30 11.23 -6.74
N GLY A 97 1.93 12.03 -5.73
CA GLY A 97 0.58 12.55 -5.58
C GLY A 97 0.10 13.37 -6.75
N VAL A 98 0.99 14.17 -7.37
CA VAL A 98 0.62 15.01 -8.51
C VAL A 98 0.20 14.14 -9.68
N LEU A 99 1.00 13.11 -10.00
CA LEU A 99 0.71 12.16 -11.08
C LEU A 99 -0.63 11.46 -10.83
N LEU A 100 -0.88 11.05 -9.59
CA LEU A 100 -2.14 10.40 -9.22
C LEU A 100 -3.33 11.35 -9.38
N ALA A 101 -3.16 12.65 -9.09
CA ALA A 101 -4.24 13.60 -9.31
C ALA A 101 -4.52 13.71 -10.82
N GLN A 102 -3.48 13.64 -11.67
CA GLN A 102 -3.63 13.68 -13.13
C GLN A 102 -4.37 12.46 -13.61
N GLU A 103 -4.03 11.31 -13.05
CA GLU A 103 -4.69 10.06 -13.39
C GLU A 103 -6.18 10.14 -13.02
N ALA A 104 -6.47 10.65 -11.80
CA ALA A 104 -7.85 10.82 -11.30
C ALA A 104 -8.65 11.78 -12.16
N ARG A 105 -8.07 12.94 -12.52
CA ARG A 105 -8.75 13.91 -13.38
C ARG A 105 -9.14 13.27 -14.71
N ARG A 106 -8.24 12.43 -15.26
CA ARG A 106 -8.42 11.72 -16.52
C ARG A 106 -9.54 10.67 -16.39
N LYS A 107 -9.52 9.84 -15.35
CA LYS A 107 -10.58 8.84 -15.14
C LYS A 107 -11.89 9.40 -14.53
N GLY A 108 -12.00 10.73 -14.43
CA GLY A 108 -13.17 11.37 -13.85
C GLY A 108 -13.41 11.12 -12.36
N VAL A 109 -12.35 10.77 -11.59
CA VAL A 109 -12.43 10.55 -10.15
C VAL A 109 -12.22 11.90 -9.43
N HIS A 110 -12.93 12.12 -8.32
CA HIS A 110 -12.84 13.35 -7.53
C HIS A 110 -12.08 13.15 -6.24
N VAL A 111 -12.20 11.97 -5.64
CA VAL A 111 -11.58 11.63 -4.37
C VAL A 111 -10.78 10.35 -4.54
N LEU A 112 -9.52 10.36 -4.11
CA LEU A 112 -8.64 9.20 -4.15
C LEU A 112 -8.66 8.53 -2.78
N LEU A 113 -9.00 7.23 -2.72
CA LEU A 113 -9.06 6.48 -1.48
C LEU A 113 -7.65 6.02 -1.12
N ALA A 114 -6.85 6.98 -0.60
CA ALA A 114 -5.43 6.84 -0.25
C ALA A 114 -4.95 8.10 0.53
N PRO A 115 -3.77 8.08 1.20
CA PRO A 115 -2.84 6.97 1.42
C PRO A 115 -3.10 6.21 2.72
N THR A 116 -2.62 4.96 2.79
CA THR A 116 -2.73 4.17 4.01
C THR A 116 -1.54 4.59 4.87
N VAL A 117 -1.81 5.06 6.11
CA VAL A 117 -0.75 5.51 7.02
C VAL A 117 -0.77 4.80 8.37
N ASN A 118 -1.35 3.59 8.44
CA ASN A 118 -1.31 2.80 9.67
C ASN A 118 0.12 2.28 9.80
N LEU A 119 0.67 2.28 11.01
CA LEU A 119 2.05 1.84 11.23
C LEU A 119 2.28 0.32 10.98
N HIS A 120 3.57 -0.05 10.81
CA HIS A 120 4.00 -1.43 10.64
C HIS A 120 4.18 -2.00 12.04
N ARG A 121 3.08 -2.30 12.76
CA ARG A 121 3.18 -2.79 14.14
C ARG A 121 3.82 -4.19 14.18
N SER A 122 3.31 -5.14 13.39
CA SER A 122 3.81 -6.51 13.35
C SER A 122 4.20 -6.86 11.90
N PRO A 123 5.27 -7.65 11.70
CA PRO A 123 5.65 -8.03 10.32
C PRO A 123 4.69 -8.96 9.60
N LEU A 124 3.74 -9.58 10.33
CA LEU A 124 2.73 -10.48 9.78
C LEU A 124 1.49 -9.75 9.26
N GLY A 125 1.36 -8.44 9.48
CA GLY A 125 0.21 -7.67 8.98
C GLY A 125 0.02 -7.83 7.48
N GLY A 126 -1.24 -7.98 7.07
CA GLY A 126 -1.58 -8.18 5.66
C GLY A 126 -1.20 -7.02 4.78
N ARG A 127 -1.80 -5.84 5.04
CA ARG A 127 -1.54 -4.62 4.28
C ARG A 127 -0.22 -3.92 4.71
N HIS A 128 0.78 -4.69 5.23
CA HIS A 128 2.09 -4.18 5.64
C HIS A 128 2.76 -3.53 4.40
N PHE A 129 2.66 -4.18 3.23
CA PHE A 129 3.19 -3.64 1.98
C PHE A 129 2.55 -2.30 1.55
N GLU A 130 1.34 -2.03 2.04
CA GLU A 130 0.57 -0.83 1.70
C GLU A 130 0.83 0.36 2.64
N ALA A 131 1.41 0.10 3.81
CA ALA A 131 1.76 1.14 4.79
C ALA A 131 3.18 1.71 4.46
N TYR A 132 3.52 2.87 5.03
CA TYR A 132 4.82 3.48 4.79
C TYR A 132 5.96 3.01 5.73
N SER A 133 5.77 3.09 7.06
CA SER A 133 6.84 2.77 8.01
C SER A 133 6.36 2.35 9.43
N GLU A 134 7.32 1.80 10.22
CA GLU A 134 7.11 1.49 11.64
C GLU A 134 7.29 2.75 12.55
N ASP A 135 7.82 3.87 11.96
CA ASP A 135 8.08 5.13 12.65
C ASP A 135 7.00 6.14 12.30
N PRO A 136 6.37 6.78 13.30
CA PRO A 136 5.30 7.75 12.98
C PRO A 136 5.75 9.05 12.34
N TYR A 137 7.02 9.43 12.52
CA TYR A 137 7.54 10.66 11.95
C TYR A 137 7.73 10.48 10.47
N LEU A 138 8.45 9.44 10.05
CA LEU A 138 8.68 9.15 8.64
C LEU A 138 7.34 8.92 7.90
N THR A 139 6.39 8.24 8.57
CA THR A 139 5.08 8.01 8.00
C THR A 139 4.35 9.33 7.76
N GLY A 140 4.31 10.19 8.78
CA GLY A 140 3.68 11.49 8.70
C GLY A 140 4.30 12.36 7.63
N GLU A 141 5.64 12.37 7.51
CA GLU A 141 6.33 13.17 6.50
C GLU A 141 5.97 12.74 5.08
N ILE A 142 6.03 11.44 4.79
CA ILE A 142 5.73 10.94 3.45
C ILE A 142 4.25 11.15 3.15
N GLY A 143 3.38 10.75 4.09
CA GLY A 143 1.93 10.95 3.97
C GLY A 143 1.56 12.40 3.69
N SER A 144 2.26 13.34 4.36
CA SER A 144 2.07 14.77 4.19
C SER A 144 2.39 15.17 2.74
N GLY A 145 3.49 14.66 2.20
CA GLY A 145 3.90 14.96 0.83
C GLY A 145 2.94 14.37 -0.18
N TYR A 146 2.52 13.14 0.06
CA TYR A 146 1.60 12.45 -0.83
C TYR A 146 0.26 13.22 -0.93
N VAL A 147 -0.32 13.56 0.21
CA VAL A 147 -1.58 14.28 0.24
C VAL A 147 -1.44 15.66 -0.42
N THR A 148 -0.40 16.46 -0.06
CA THR A 148 -0.22 17.79 -0.67
C THR A 148 -0.13 17.69 -2.19
N GLY A 149 0.52 16.64 -2.68
CA GLY A 149 0.67 16.43 -4.11
C GLY A 149 -0.62 16.06 -4.80
N VAL A 150 -1.47 15.20 -4.17
CA VAL A 150 -2.75 14.78 -4.79
C VAL A 150 -3.72 15.96 -4.84
N GLN A 151 -3.78 16.71 -3.75
CA GLN A 151 -4.64 17.86 -3.66
C GLN A 151 -4.09 19.03 -4.46
N ALA A 152 -2.78 19.02 -4.81
CA ALA A 152 -2.20 20.03 -5.71
C ALA A 152 -2.85 19.96 -7.11
N GLY A 153 -3.44 18.81 -7.47
CA GLY A 153 -4.18 18.66 -8.71
C GLY A 153 -5.68 18.65 -8.49
N GLY A 154 -6.15 19.34 -7.46
CA GLY A 154 -7.57 19.46 -7.14
C GLY A 154 -8.33 18.18 -6.95
N VAL A 155 -7.66 17.11 -6.47
CA VAL A 155 -8.29 15.81 -6.24
C VAL A 155 -8.24 15.56 -4.74
N GLY A 156 -9.36 15.17 -4.16
CA GLY A 156 -9.45 14.90 -2.72
C GLY A 156 -8.78 13.62 -2.30
N THR A 157 -8.52 13.47 -1.00
CA THR A 157 -7.88 12.28 -0.43
C THR A 157 -8.55 11.86 0.85
N THR A 158 -8.55 10.57 1.14
CA THR A 158 -9.12 10.04 2.37
C THR A 158 -8.03 9.28 3.10
N VAL A 159 -7.37 9.92 4.08
CA VAL A 159 -6.27 9.29 4.81
C VAL A 159 -6.79 8.07 5.55
N LYS A 160 -6.54 6.88 5.01
CA LYS A 160 -7.03 5.64 5.62
C LYS A 160 -5.91 4.94 6.45
N HIS A 161 -6.23 4.10 7.49
CA HIS A 161 -7.54 3.74 8.03
C HIS A 161 -7.56 4.24 9.46
N PHE A 162 -8.21 5.39 9.67
CA PHE A 162 -8.30 6.04 10.98
C PHE A 162 -9.12 5.17 11.94
N VAL A 163 -8.56 4.59 13.04
CA VAL A 163 -7.15 4.54 13.46
C VAL A 163 -6.89 3.18 14.12
N ALA A 164 -5.63 2.73 14.08
CA ALA A 164 -5.20 1.45 14.63
C ALA A 164 -5.79 0.25 13.89
N ASN A 165 -5.53 0.17 12.57
CA ASN A 165 -5.94 -0.95 11.70
C ASN A 165 -4.61 -1.56 11.21
N ASP A 166 -3.72 -1.91 12.17
CA ASP A 166 -2.37 -2.41 11.87
C ASP A 166 -2.30 -3.96 11.76
N ALA A 167 -3.43 -4.58 11.37
CA ALA A 167 -3.58 -6.04 11.16
C ALA A 167 -4.94 -6.32 10.52
N GLU A 168 -5.07 -7.45 9.82
CA GLU A 168 -6.29 -7.76 9.09
C GLU A 168 -7.18 -8.88 9.64
N THR A 169 -6.66 -9.83 10.49
CA THR A 169 -7.53 -10.93 10.98
C THR A 169 -8.64 -10.39 11.87
N ASP A 170 -9.88 -10.86 11.61
CA ASP A 170 -11.09 -10.42 12.31
C ASP A 170 -11.22 -8.89 12.37
N ARG A 171 -10.62 -8.18 11.39
CA ARG A 171 -10.68 -6.71 11.32
C ARG A 171 -12.07 -6.15 11.38
N PHE A 172 -13.09 -6.93 11.04
CA PHE A 172 -14.45 -6.44 11.03
C PHE A 172 -14.99 -6.17 12.41
N THR A 173 -14.56 -6.97 13.40
CA THR A 173 -15.06 -6.91 14.77
C THR A 173 -14.02 -6.70 15.87
N VAL A 174 -12.77 -7.10 15.64
CA VAL A 174 -11.68 -7.04 16.63
C VAL A 174 -11.68 -5.76 17.46
N ASN A 175 -11.51 -5.90 18.78
CA ASN A 175 -11.40 -4.75 19.67
C ASN A 175 -9.93 -4.57 19.98
N ASN A 176 -9.30 -3.60 19.30
CA ASN A 176 -7.90 -3.26 19.49
C ASN A 176 -7.79 -2.37 20.72
N LEU A 177 -7.39 -2.97 21.84
CA LEU A 177 -7.22 -2.27 23.10
C LEU A 177 -5.84 -1.64 23.05
N VAL A 178 -5.77 -0.29 22.82
CA VAL A 178 -4.52 0.47 22.70
C VAL A 178 -4.43 1.54 23.82
N SER A 179 -3.21 1.71 24.40
CA SER A 179 -2.92 2.67 25.48
C SER A 179 -3.20 4.12 25.09
N ALA A 180 -3.34 5.01 26.10
CA ALA A 180 -3.57 6.43 25.82
C ALA A 180 -2.34 7.06 25.18
N ARG A 181 -1.14 6.80 25.74
CA ARG A 181 0.10 7.33 25.15
C ARG A 181 0.34 6.65 23.81
N ALA A 182 0.11 5.34 23.70
CA ALA A 182 0.35 4.61 22.46
C ALA A 182 -0.44 5.17 21.29
N LEU A 183 -1.74 5.49 21.50
CA LEU A 183 -2.58 6.04 20.43
C LEU A 183 -2.07 7.42 20.05
N ARG A 184 -1.85 8.27 21.05
CA ARG A 184 -1.40 9.64 20.82
C ARG A 184 -0.02 9.77 20.18
N GLU A 185 0.96 9.01 20.67
CA GLU A 185 2.32 9.05 20.17
C GLU A 185 2.57 8.24 18.91
N LEU A 186 1.91 7.07 18.73
CA LEU A 186 2.18 6.22 17.56
C LEU A 186 1.11 6.23 16.47
N TYR A 187 -0.04 5.62 16.73
CA TYR A 187 -1.05 5.34 15.72
C TYR A 187 -1.75 6.59 15.23
N LEU A 188 -2.00 7.57 16.12
CA LEU A 188 -2.66 8.83 15.73
C LEU A 188 -1.66 9.85 15.14
N ALA A 189 -0.38 9.76 15.54
CA ALA A 189 0.66 10.71 15.11
C ALA A 189 0.67 11.01 13.62
N PRO A 190 0.81 9.99 12.75
CA PRO A 190 0.85 10.28 11.31
C PRO A 190 -0.40 11.02 10.81
N PHE A 191 -1.58 10.72 11.39
CA PHE A 191 -2.81 11.41 11.01
C PHE A 191 -2.72 12.87 11.43
N GLU A 192 -2.23 13.15 12.65
CA GLU A 192 -2.07 14.53 13.11
C GLU A 192 -1.05 15.28 12.27
N ALA A 193 0.01 14.60 11.87
CA ALA A 193 1.05 15.19 11.05
C ALA A 193 0.48 15.60 9.68
N ILE A 194 -0.33 14.74 9.06
CA ILE A 194 -0.94 15.03 7.74
C ILE A 194 -2.03 16.07 7.85
N VAL A 195 -2.82 16.04 8.95
CA VAL A 195 -3.89 17.00 9.18
C VAL A 195 -3.29 18.40 9.28
N ALA A 196 -2.25 18.57 10.11
CA ALA A 196 -1.62 19.86 10.29
C ALA A 196 -0.81 20.31 9.08
N ASN A 197 0.03 19.44 8.51
CA ASN A 197 0.89 19.84 7.39
C ASN A 197 0.15 19.98 6.07
N ALA A 198 -0.49 18.90 5.61
CA ALA A 198 -1.12 18.83 4.30
C ALA A 198 -2.55 19.33 4.18
N HIS A 199 -3.33 19.40 5.27
CA HIS A 199 -4.73 19.85 5.19
C HIS A 199 -5.55 18.93 4.26
N PRO A 200 -5.77 17.66 4.69
CA PRO A 200 -6.49 16.70 3.85
C PRO A 200 -7.96 16.98 3.74
N TRP A 201 -8.53 16.77 2.55
CA TRP A 201 -9.95 17.03 2.34
C TRP A 201 -10.87 15.95 2.85
N GLY A 202 -10.32 14.81 3.29
CA GLY A 202 -11.12 13.72 3.80
C GLY A 202 -10.35 12.70 4.59
N ILE A 203 -11.07 11.76 5.16
CA ILE A 203 -10.47 10.69 5.96
C ILE A 203 -11.38 9.47 5.86
N MET A 204 -10.83 8.29 6.12
CA MET A 204 -11.61 7.06 6.12
C MET A 204 -11.49 6.48 7.49
N THR A 205 -12.62 6.02 8.06
CA THR A 205 -12.67 5.39 9.37
C THR A 205 -12.65 3.87 9.16
N ALA A 206 -11.88 3.16 9.98
CA ALA A 206 -11.59 1.73 9.86
C ALA A 206 -12.73 0.79 10.30
N TYR A 207 -12.65 -0.52 9.94
CA TYR A 207 -13.67 -1.52 10.31
C TYR A 207 -13.58 -1.92 11.79
N ASN A 208 -12.37 -1.99 12.34
CA ASN A 208 -12.11 -2.41 13.73
C ASN A 208 -12.64 -1.41 14.80
N GLN A 209 -12.46 -1.76 16.09
CA GLN A 209 -12.81 -0.92 17.22
C GLN A 209 -11.57 -0.62 18.05
N VAL A 210 -11.54 0.56 18.68
CA VAL A 210 -10.42 0.96 19.51
C VAL A 210 -10.98 1.28 20.86
N ASN A 211 -10.60 0.51 21.91
CA ASN A 211 -11.05 0.72 23.27
C ASN A 211 -12.57 0.78 23.39
N GLY A 212 -13.24 -0.18 22.74
CA GLY A 212 -14.69 -0.29 22.78
C GLY A 212 -15.43 0.09 21.51
N SER A 213 -15.45 1.39 21.16
CA SER A 213 -16.21 1.89 19.99
C SER A 213 -15.59 1.52 18.65
N THR A 214 -16.44 1.18 17.66
CA THR A 214 -16.01 0.92 16.26
C THR A 214 -15.54 2.26 15.68
N MET A 215 -14.54 2.25 14.80
CA MET A 215 -14.01 3.51 14.30
C MET A 215 -15.04 4.39 13.62
N THR A 216 -16.00 3.82 12.90
CA THR A 216 -17.05 4.63 12.26
C THR A 216 -17.97 5.29 13.30
N GLU A 217 -18.17 4.67 14.47
CA GLU A 217 -19.04 5.20 15.53
C GLU A 217 -18.25 5.81 16.72
N HIS A 218 -16.93 6.02 16.56
CA HIS A 218 -16.05 6.55 17.63
C HIS A 218 -16.16 8.08 17.81
N ARG A 219 -17.02 8.52 18.75
CA ARG A 219 -17.28 9.96 18.96
C ARG A 219 -16.05 10.69 19.50
N TYR A 220 -15.33 10.06 20.43
CA TYR A 220 -14.17 10.67 21.05
C TYR A 220 -13.02 10.95 20.07
N LEU A 221 -12.61 9.95 19.27
CA LEU A 221 -11.49 10.13 18.36
C LEU A 221 -11.83 10.94 17.14
N VAL A 222 -13.04 10.75 16.57
CA VAL A 222 -13.39 11.46 15.35
C VAL A 222 -13.78 12.92 15.62
N ASN A 223 -14.72 13.14 16.56
CA ASN A 223 -15.19 14.50 16.80
C ASN A 223 -14.33 15.27 17.79
N GLU A 224 -13.98 14.66 18.95
CA GLU A 224 -13.23 15.38 19.98
C GLU A 224 -11.72 15.55 19.66
N VAL A 225 -11.02 14.45 19.27
CA VAL A 225 -9.59 14.52 18.92
C VAL A 225 -9.39 15.05 17.47
N LEU A 226 -9.66 14.24 16.42
CA LEU A 226 -9.46 14.61 15.02
C LEU A 226 -10.01 16.00 14.67
N ARG A 227 -11.30 16.26 14.94
CA ARG A 227 -11.91 17.54 14.59
C ARG A 227 -11.69 18.61 15.66
N GLY A 228 -11.94 18.24 16.92
CA GLY A 228 -11.83 19.14 18.05
C GLY A 228 -10.43 19.67 18.29
N GLU A 229 -9.48 18.77 18.53
CA GLU A 229 -8.11 19.18 18.80
C GLU A 229 -7.32 19.57 17.55
N TRP A 230 -7.31 18.70 16.54
CA TRP A 230 -6.51 18.94 15.34
C TRP A 230 -7.14 19.90 14.34
N GLY A 231 -8.43 20.17 14.45
CA GLY A 231 -9.10 21.07 13.52
C GLY A 231 -9.31 20.51 12.12
N PHE A 232 -9.61 19.22 12.01
CA PHE A 232 -9.90 18.59 10.73
C PHE A 232 -11.15 19.20 10.15
N ASP A 233 -11.12 19.66 8.89
CA ASP A 233 -12.32 20.26 8.29
C ASP A 233 -12.93 19.45 7.12
N GLY A 234 -12.36 18.28 6.80
CA GLY A 234 -12.85 17.44 5.71
C GLY A 234 -13.93 16.46 6.09
N PHE A 235 -14.31 15.59 5.14
CA PHE A 235 -15.37 14.61 5.33
C PHE A 235 -14.82 13.29 5.82
N ASN A 236 -15.66 12.51 6.47
CA ASN A 236 -15.28 11.22 7.01
C ASN A 236 -16.09 10.14 6.32
N VAL A 237 -15.45 9.34 5.48
CA VAL A 237 -16.11 8.23 4.79
C VAL A 237 -15.89 6.96 5.58
N SER A 238 -16.86 6.05 5.52
CA SER A 238 -16.73 4.75 6.16
C SER A 238 -15.82 3.89 5.27
N ASP A 239 -15.18 2.85 5.87
CA ASP A 239 -14.47 1.87 5.04
C ASP A 239 -15.61 1.06 4.34
N TRP A 240 -15.37 0.47 3.16
CA TRP A 240 -16.46 -0.21 2.44
C TRP A 240 -17.10 -1.34 3.27
N LEU A 241 -18.28 -1.05 3.87
CA LEU A 241 -19.15 -1.90 4.72
C LEU A 241 -18.92 -1.68 6.22
N ALA A 242 -18.14 -0.67 6.62
CA ALA A 242 -17.88 -0.41 8.04
C ALA A 242 -19.06 0.32 8.73
N ALA A 243 -19.91 1.03 7.96
CA ALA A 243 -21.04 1.72 8.57
C ALA A 243 -22.06 0.68 9.02
N ARG A 244 -22.43 0.69 10.31
CA ARG A 244 -23.36 -0.33 10.83
C ARG A 244 -24.42 0.20 11.79
N SER A 245 -24.66 1.51 11.86
CA SER A 245 -25.70 2.07 12.75
C SER A 245 -26.06 3.46 12.28
N THR A 246 -27.34 3.75 12.11
CA THR A 246 -27.80 5.04 11.59
C THR A 246 -27.48 6.15 12.59
N THR A 247 -27.80 5.89 13.86
CA THR A 247 -27.64 6.86 14.93
C THR A 247 -26.23 6.76 15.52
N GLY A 248 -25.71 5.55 15.67
CA GLY A 248 -24.37 5.32 16.22
C GLY A 248 -23.24 5.92 15.39
N ALA A 249 -23.37 5.90 14.04
CA ALA A 249 -22.35 6.43 13.14
C ALA A 249 -22.47 7.94 13.00
N LEU A 250 -23.70 8.47 12.93
CA LEU A 250 -23.89 9.92 12.81
C LEU A 250 -23.37 10.63 14.06
N THR A 251 -23.74 10.13 15.23
CA THR A 251 -23.27 10.66 16.52
C THR A 251 -21.78 10.39 16.76
N GLY A 252 -21.22 9.34 16.17
CA GLY A 252 -19.78 9.04 16.26
C GLY A 252 -18.91 9.68 15.18
N GLY A 253 -19.39 10.77 14.59
CA GLY A 253 -18.63 11.52 13.61
C GLY A 253 -18.54 11.07 12.16
N LEU A 254 -19.30 10.03 11.76
CA LEU A 254 -19.29 9.61 10.35
C LEU A 254 -20.09 10.61 9.50
N ASP A 255 -19.75 10.71 8.21
CA ASP A 255 -20.45 11.60 7.27
C ASP A 255 -21.02 10.83 6.09
N VAL A 256 -20.28 9.83 5.58
CA VAL A 256 -20.71 9.10 4.41
C VAL A 256 -20.62 7.61 4.65
N ALA A 257 -21.76 6.92 4.58
CA ALA A 257 -21.82 5.46 4.63
C ALA A 257 -21.68 5.15 3.16
N MET A 258 -20.47 4.68 2.74
CA MET A 258 -20.19 4.47 1.31
C MET A 258 -20.02 3.05 0.82
N PRO A 259 -20.19 1.97 1.60
CA PRO A 259 -20.12 0.63 1.00
C PRO A 259 -20.82 0.47 -0.38
N GLY A 260 -22.07 0.95 -0.54
CA GLY A 260 -22.80 0.77 -1.80
C GLY A 260 -24.17 1.43 -1.87
N PRO A 261 -25.19 0.89 -2.63
CA PRO A 261 -26.51 1.58 -2.71
C PRO A 261 -27.41 1.53 -1.47
N ALA A 262 -27.45 0.39 -0.79
CA ALA A 262 -28.26 0.20 0.40
C ALA A 262 -27.37 0.41 1.62
N THR A 263 -27.15 1.68 1.97
CA THR A 263 -26.32 2.02 3.11
C THR A 263 -27.17 2.33 4.34
N VAL A 264 -26.53 2.38 5.49
CA VAL A 264 -27.16 2.68 6.79
C VAL A 264 -27.82 4.07 6.81
N TYR A 265 -27.34 4.98 5.94
CA TYR A 265 -27.90 6.32 5.76
C TYR A 265 -28.94 6.30 4.60
N GLY A 266 -29.50 7.46 4.30
CA GLY A 266 -30.52 7.57 3.26
C GLY A 266 -31.88 7.63 3.92
N GLU A 267 -32.76 6.68 3.59
CA GLU A 267 -34.11 6.67 4.15
C GLU A 267 -34.11 6.24 5.66
N PRO A 268 -33.22 5.31 6.16
CA PRO A 268 -33.21 5.02 7.60
C PRO A 268 -32.79 6.24 8.41
N LEU A 269 -31.84 7.04 7.89
CA LEU A 269 -31.39 8.28 8.55
C LEU A 269 -32.48 9.35 8.46
N ALA A 270 -33.14 9.50 7.30
CA ALA A 270 -34.25 10.45 7.16
C ALA A 270 -35.35 10.15 8.19
N ALA A 271 -35.64 8.85 8.39
CA ALA A 271 -36.63 8.41 9.35
C ALA A 271 -36.17 8.66 10.79
N ALA A 272 -34.92 8.30 11.11
CA ALA A 272 -34.38 8.50 12.46
C ALA A 272 -34.42 9.96 12.89
N VAL A 273 -34.24 10.91 11.96
CA VAL A 273 -34.30 12.32 12.31
C VAL A 273 -35.74 12.68 12.64
N ARG A 274 -36.67 12.38 11.71
CA ARG A 274 -38.08 12.68 11.88
C ARG A 274 -38.66 12.06 13.15
N ALA A 275 -38.40 10.78 13.40
CA ALA A 275 -38.97 10.09 14.53
C ALA A 275 -38.14 10.18 15.83
N GLY A 276 -36.89 9.72 15.82
CA GLY A 276 -36.08 9.67 17.02
C GLY A 276 -35.55 10.99 17.52
N GLU A 277 -34.74 10.89 18.56
CA GLU A 277 -34.07 12.04 19.16
C GLU A 277 -32.79 12.40 18.33
N VAL A 278 -32.67 11.96 17.04
CA VAL A 278 -31.53 12.35 16.20
C VAL A 278 -31.85 13.70 15.59
N THR A 279 -31.17 14.77 16.05
CA THR A 279 -31.43 16.16 15.64
C THR A 279 -31.10 16.46 14.17
N GLU A 280 -31.96 17.21 13.45
CA GLU A 280 -31.61 17.59 12.07
C GLU A 280 -30.37 18.50 12.04
N SER A 281 -30.00 19.14 13.18
CA SER A 281 -28.78 19.94 13.30
C SER A 281 -27.56 19.04 13.08
N LEU A 282 -27.59 17.79 13.62
CA LEU A 282 -26.51 16.81 13.45
C LEU A 282 -26.36 16.46 11.97
N LEU A 283 -27.49 16.20 11.28
CA LEU A 283 -27.50 15.92 9.84
C LEU A 283 -26.94 17.13 9.08
N ASP A 284 -27.33 18.34 9.47
CA ASP A 284 -26.86 19.56 8.83
C ASP A 284 -25.35 19.73 8.99
N GLU A 285 -24.82 19.43 10.18
CA GLU A 285 -23.38 19.52 10.45
C GLU A 285 -22.61 18.57 9.52
N ALA A 286 -23.17 17.36 9.27
CA ALA A 286 -22.56 16.34 8.40
C ALA A 286 -22.69 16.62 6.92
N VAL A 287 -23.81 17.13 6.46
CA VAL A 287 -23.97 17.48 5.03
C VAL A 287 -23.04 18.65 4.68
N ARG A 288 -22.89 19.61 5.60
CA ARG A 288 -21.99 20.77 5.47
C ARG A 288 -20.57 20.31 5.10
N ARG A 289 -20.10 19.19 5.71
CA ARG A 289 -18.77 18.65 5.46
C ARG A 289 -18.67 18.08 4.05
N VAL A 290 -19.72 17.36 3.61
CA VAL A 290 -19.79 16.77 2.28
C VAL A 290 -19.89 17.85 1.21
N LEU A 291 -20.69 18.89 1.47
CA LEU A 291 -20.82 20.00 0.54
C LEU A 291 -19.54 20.84 0.50
N ARG A 292 -18.73 20.87 1.59
CA ARG A 292 -17.45 21.59 1.56
C ARG A 292 -16.48 20.83 0.63
N LEU A 293 -16.47 19.48 0.73
CA LEU A 293 -15.68 18.60 -0.14
C LEU A 293 -16.12 18.81 -1.60
N ALA A 294 -17.43 18.78 -1.85
CA ALA A 294 -18.02 19.02 -3.16
C ALA A 294 -17.49 20.28 -3.84
N ALA A 295 -17.26 21.34 -3.05
CA ALA A 295 -16.79 22.62 -3.54
C ALA A 295 -15.29 22.62 -3.83
N ARG A 296 -14.51 21.87 -3.04
CA ARG A 296 -13.07 21.81 -3.24
C ARG A 296 -12.73 20.94 -4.44
N VAL A 297 -13.38 19.75 -4.53
CA VAL A 297 -13.15 18.88 -5.68
C VAL A 297 -13.76 19.49 -6.98
N GLY A 298 -14.74 20.40 -6.83
CA GLY A 298 -15.35 21.15 -7.93
C GLY A 298 -16.68 20.65 -8.44
N ILE A 299 -17.24 19.58 -7.85
CA ILE A 299 -18.52 19.01 -8.31
C ILE A 299 -19.75 19.95 -8.05
N LEU A 300 -19.62 20.99 -7.20
CA LEU A 300 -20.73 21.90 -6.87
C LEU A 300 -20.67 23.20 -7.63
N GLU A 301 -21.62 23.46 -8.54
CA GLU A 301 -21.69 24.76 -9.22
C GLU A 301 -22.16 25.78 -8.20
N GLY A 302 -21.62 26.98 -8.26
CA GLY A 302 -21.94 28.02 -7.28
C GLY A 302 -20.80 28.28 -6.32
N ALA A 303 -19.93 27.27 -6.12
CA ALA A 303 -18.71 27.35 -5.32
C ALA A 303 -17.54 27.07 -6.28
N ALA A 304 -16.61 28.02 -6.45
CA ALA A 304 -15.48 27.79 -7.36
C ALA A 304 -14.59 26.63 -6.84
N PRO A 305 -13.95 25.84 -7.72
CA PRO A 305 -13.12 24.73 -7.24
C PRO A 305 -11.87 25.21 -6.53
N ALA A 306 -11.36 24.43 -5.57
CA ALA A 306 -10.18 24.83 -4.81
C ALA A 306 -8.98 25.02 -5.74
N VAL A 307 -8.58 24.01 -6.53
CA VAL A 307 -7.48 24.18 -7.49
C VAL A 307 -8.11 24.46 -8.85
N THR A 308 -7.88 25.67 -9.36
CA THR A 308 -8.41 26.13 -10.64
C THR A 308 -7.36 25.88 -11.71
N GLU A 309 -6.11 26.35 -11.52
CA GLU A 309 -5.05 26.07 -12.50
C GLU A 309 -4.21 24.90 -11.97
N LEU A 310 -4.19 23.81 -12.76
CA LEU A 310 -3.61 22.51 -12.43
C LEU A 310 -2.10 22.43 -12.66
N PRO A 311 -1.39 21.51 -11.97
CA PRO A 311 0.06 21.39 -12.18
C PRO A 311 0.42 20.82 -13.54
N ALA A 312 1.59 21.26 -14.05
CA ALA A 312 2.07 20.87 -15.37
C ALA A 312 2.11 19.35 -15.56
N PRO A 313 1.69 18.85 -16.75
CA PRO A 313 1.71 17.40 -17.02
C PRO A 313 2.95 16.66 -16.54
N VAL A 314 2.76 15.43 -16.08
CA VAL A 314 3.80 14.58 -15.52
C VAL A 314 3.91 13.32 -16.37
N ASP A 315 5.15 12.90 -16.70
CA ASP A 315 5.33 11.65 -17.43
C ASP A 315 5.22 10.52 -16.41
N GLY A 316 4.21 9.69 -16.58
CA GLY A 316 3.93 8.60 -15.65
C GLY A 316 4.97 7.51 -15.64
N GLU A 317 5.46 7.11 -16.82
CA GLU A 317 6.44 6.04 -16.92
C GLU A 317 7.75 6.45 -16.26
N ALA A 318 8.21 7.68 -16.52
CA ALA A 318 9.44 8.18 -15.92
C ALA A 318 9.35 8.24 -14.39
N LEU A 319 8.26 8.76 -13.83
CA LEU A 319 8.14 8.85 -12.38
C LEU A 319 8.12 7.44 -11.75
N ALA A 320 7.50 6.46 -12.43
CA ALA A 320 7.43 5.08 -11.93
C ALA A 320 8.80 4.45 -11.84
N ARG A 321 9.70 4.79 -12.79
CA ARG A 321 11.07 4.28 -12.83
C ARG A 321 11.86 5.00 -11.75
N GLU A 322 11.75 6.35 -11.67
CA GLU A 322 12.49 7.12 -10.67
C GLU A 322 12.15 6.66 -9.26
N ILE A 323 10.86 6.60 -8.88
CA ILE A 323 10.43 6.14 -7.55
C ILE A 323 10.95 4.72 -7.31
N ALA A 324 10.85 3.83 -8.34
CA ALA A 324 11.32 2.46 -8.21
C ALA A 324 12.83 2.42 -7.86
N ARG A 325 13.74 2.98 -8.69
CA ARG A 325 15.17 2.86 -8.36
C ARG A 325 15.55 3.65 -7.12
N ARG A 326 14.84 4.73 -6.80
CA ARG A 326 15.13 5.50 -5.61
C ARG A 326 14.75 4.77 -4.31
N SER A 327 13.98 3.66 -4.39
CA SER A 327 13.51 2.92 -3.22
C SER A 327 14.24 1.62 -2.97
N PHE A 328 14.84 1.01 -4.01
CA PHE A 328 15.51 -0.28 -3.87
C PHE A 328 16.60 -0.25 -2.77
N VAL A 329 16.36 -0.95 -1.65
CA VAL A 329 17.32 -0.97 -0.56
C VAL A 329 18.38 -2.04 -0.80
N LEU A 330 19.64 -1.63 -1.04
CA LEU A 330 20.76 -2.57 -1.20
C LEU A 330 21.29 -2.84 0.20
N VAL A 331 20.76 -3.88 0.86
CA VAL A 331 21.14 -4.20 2.23
C VAL A 331 22.54 -4.84 2.35
N ARG A 332 22.88 -5.76 1.44
CA ARG A 332 24.17 -6.47 1.48
C ARG A 332 24.86 -6.35 0.12
N ASN A 333 26.18 -6.13 0.11
CA ASN A 333 26.96 -6.06 -1.13
C ASN A 333 28.43 -6.35 -0.79
N GLU A 334 28.92 -7.55 -1.12
CA GLU A 334 30.26 -7.99 -0.77
C GLU A 334 31.26 -7.92 -1.92
N VAL A 335 32.56 -7.93 -1.57
CA VAL A 335 33.66 -7.84 -2.52
C VAL A 335 33.96 -9.23 -3.13
N ALA A 340 33.19 -6.08 -5.16
CA ALA A 340 31.88 -5.42 -5.19
C ALA A 340 30.98 -6.12 -6.16
N ALA A 341 30.10 -7.01 -5.65
CA ALA A 341 29.16 -7.81 -6.46
C ALA A 341 28.31 -6.94 -7.39
N LEU A 342 27.90 -5.77 -6.88
CA LEU A 342 27.14 -4.81 -7.66
C LEU A 342 27.91 -3.47 -7.73
N PRO A 343 27.80 -2.75 -8.87
CA PRO A 343 27.06 -3.11 -10.08
C PRO A 343 27.76 -4.23 -10.85
N LEU A 344 27.08 -4.81 -11.83
CA LEU A 344 27.65 -5.84 -12.68
C LEU A 344 28.83 -5.25 -13.48
N GLU A 345 29.77 -6.11 -13.84
CA GLU A 345 31.02 -5.72 -14.51
C GLU A 345 30.78 -5.61 -16.03
N GLN A 346 31.55 -4.75 -16.70
CA GLN A 346 31.39 -4.55 -18.14
C GLN A 346 31.74 -5.83 -18.91
N GLY A 347 30.78 -6.34 -19.68
CA GLY A 347 30.98 -7.54 -20.49
C GLY A 347 31.09 -8.81 -19.67
N ALA A 348 30.24 -8.94 -18.65
CA ALA A 348 30.21 -10.12 -17.78
C ALA A 348 29.10 -11.05 -18.24
N THR A 349 29.27 -12.36 -18.06
CA THR A 349 28.23 -13.33 -18.40
C THR A 349 27.24 -13.37 -17.24
N VAL A 350 25.99 -12.92 -17.47
CA VAL A 350 24.94 -12.83 -16.44
C VAL A 350 23.84 -13.87 -16.66
N ALA A 351 23.40 -14.51 -15.57
CA ALA A 351 22.35 -15.52 -15.58
C ALA A 351 21.19 -15.07 -14.70
N LEU A 352 19.99 -14.86 -15.30
CA LEU A 352 18.80 -14.45 -14.57
C LEU A 352 18.05 -15.71 -14.22
N ILE A 353 17.71 -15.87 -12.94
CA ILE A 353 17.03 -17.05 -12.42
C ILE A 353 15.82 -16.61 -11.59
N GLY A 354 14.81 -17.47 -11.54
CA GLY A 354 13.60 -17.24 -10.78
C GLY A 354 12.44 -16.85 -11.67
N ALA A 355 11.20 -17.28 -11.32
CA ALA A 355 9.99 -16.96 -12.08
C ALA A 355 9.63 -15.48 -11.97
N ALA A 356 9.90 -14.85 -10.81
CA ALA A 356 9.62 -13.43 -10.59
C ALA A 356 10.37 -12.50 -11.57
N ALA A 357 11.38 -13.02 -12.30
CA ALA A 357 12.15 -12.28 -13.31
C ALA A 357 11.45 -12.24 -14.68
N ARG A 358 10.64 -13.25 -14.99
CA ARG A 358 9.90 -13.34 -16.24
C ARG A 358 8.52 -12.72 -16.03
N ASP A 359 7.81 -13.19 -14.98
CA ASP A 359 6.48 -12.73 -14.62
C ASP A 359 6.60 -12.02 -13.29
N ALA A 360 6.84 -10.70 -13.34
CA ALA A 360 7.03 -9.90 -12.14
C ALA A 360 5.76 -9.66 -11.29
N ARG A 361 5.96 -9.38 -10.00
CA ARG A 361 4.91 -9.04 -9.05
C ARG A 361 5.09 -7.51 -8.80
N VAL A 362 4.31 -6.70 -9.52
CA VAL A 362 4.44 -5.23 -9.42
C VAL A 362 3.48 -4.62 -8.42
N LEU A 363 2.32 -5.27 -8.15
CA LEU A 363 1.37 -4.78 -7.16
C LEU A 363 1.15 -5.86 -6.11
N GLY A 364 0.74 -5.42 -4.93
CA GLY A 364 0.33 -6.29 -3.83
C GLY A 364 -1.17 -6.48 -3.89
N GLY A 365 -1.66 -7.59 -3.32
CA GLY A 365 -3.08 -7.88 -3.33
C GLY A 365 -3.96 -6.99 -2.46
N GLY A 366 -5.18 -6.76 -2.91
CA GLY A 366 -6.15 -5.96 -2.19
C GLY A 366 -6.80 -4.94 -3.10
N SER A 367 -7.55 -4.02 -2.51
CA SER A 367 -8.23 -2.96 -3.25
C SER A 367 -7.26 -1.97 -3.92
N ALA A 368 -5.98 -1.91 -3.45
CA ALA A 368 -4.96 -1.06 -4.04
C ALA A 368 -4.55 -1.50 -5.46
N THR A 369 -4.92 -2.72 -5.90
CA THR A 369 -4.58 -3.20 -7.24
C THR A 369 -5.23 -2.36 -8.35
N VAL A 370 -4.52 -2.24 -9.49
CA VAL A 370 -4.94 -1.55 -10.72
C VAL A 370 -4.39 -2.39 -11.91
N PHE A 371 -4.70 -2.04 -13.19
CA PHE A 371 -4.09 -2.74 -14.32
C PHE A 371 -3.27 -1.72 -15.11
N PRO A 372 -1.92 -1.78 -15.06
CA PRO A 372 -1.12 -0.82 -15.86
C PRO A 372 -1.21 -1.06 -17.35
N ALA A 373 -0.73 -0.10 -18.17
CA ALA A 373 -0.76 -0.27 -19.62
C ALA A 373 0.14 -1.49 -20.01
N ARG A 374 1.43 -1.48 -19.64
CA ARG A 374 2.35 -2.61 -19.85
C ARG A 374 3.39 -2.60 -18.77
N VAL A 375 3.87 -3.80 -18.43
CA VAL A 375 4.84 -3.99 -17.38
C VAL A 375 6.21 -4.43 -17.93
N VAL A 376 7.27 -3.78 -17.43
CA VAL A 376 8.64 -4.10 -17.79
C VAL A 376 9.10 -5.07 -16.71
N SER A 377 9.42 -6.31 -17.10
CA SER A 377 9.90 -7.33 -16.19
C SER A 377 11.45 -7.27 -16.10
N PRO A 378 12.07 -7.83 -15.05
CA PRO A 378 13.53 -7.83 -14.97
C PRO A 378 14.25 -8.44 -16.17
N LEU A 379 13.66 -9.47 -16.79
CA LEU A 379 14.26 -10.11 -17.95
C LEU A 379 14.07 -9.25 -19.20
N ASP A 380 12.93 -8.55 -19.33
CA ASP A 380 12.70 -7.62 -20.43
C ASP A 380 13.76 -6.48 -20.36
N GLY A 381 13.90 -5.89 -19.16
CA GLY A 381 14.84 -4.81 -18.87
C GLY A 381 16.31 -5.18 -19.02
N LEU A 382 16.74 -6.32 -18.43
CA LEU A 382 18.14 -6.73 -18.54
C LEU A 382 18.52 -7.18 -19.95
N THR A 383 17.58 -7.73 -20.74
CA THR A 383 17.87 -8.15 -22.12
C THR A 383 18.31 -6.96 -22.99
N ALA A 384 17.63 -5.82 -22.80
CA ALA A 384 17.92 -4.58 -23.51
C ALA A 384 19.15 -3.90 -22.94
N ALA A 385 19.33 -3.93 -21.61
CA ALA A 385 20.48 -3.30 -20.97
C ALA A 385 21.79 -4.01 -21.31
N LEU A 386 21.82 -5.36 -21.25
CA LEU A 386 23.02 -6.13 -21.59
C LEU A 386 23.15 -6.28 -23.13
N PRO A 387 24.34 -6.69 -23.66
CA PRO A 387 24.52 -6.77 -25.12
C PRO A 387 24.12 -8.16 -25.69
N GLU A 388 24.67 -8.54 -26.89
CA GLU A 388 24.43 -9.84 -27.54
C GLU A 388 24.70 -10.98 -26.55
N GLY A 389 23.80 -11.95 -26.49
CA GLY A 389 23.88 -13.00 -25.50
C GLY A 389 23.38 -12.50 -24.15
N ALA A 390 22.25 -11.71 -24.18
CA ALA A 390 21.49 -11.13 -23.03
C ALA A 390 21.44 -12.10 -21.78
N PRO A 391 20.69 -11.87 -20.65
CA PRO A 391 20.79 -12.82 -19.53
C PRO A 391 20.32 -14.20 -19.91
N THR A 392 21.08 -15.24 -19.52
CA THR A 392 20.66 -16.61 -19.78
C THR A 392 19.58 -16.87 -18.74
N TYR A 393 18.33 -17.03 -19.17
CA TYR A 393 17.23 -17.22 -18.23
C TYR A 393 16.99 -18.69 -17.90
N ALA A 394 16.71 -18.94 -16.63
CA ALA A 394 16.37 -20.26 -16.14
C ALA A 394 15.42 -20.07 -14.96
N LEU A 395 14.16 -20.51 -15.08
CA LEU A 395 13.20 -20.40 -13.99
C LEU A 395 13.62 -21.39 -12.90
N GLY A 396 13.89 -20.87 -11.71
CA GLY A 396 14.35 -21.71 -10.62
C GLY A 396 13.23 -22.37 -9.87
N ALA A 397 12.23 -21.58 -9.51
CA ALA A 397 11.06 -22.06 -8.78
C ALA A 397 9.91 -21.11 -9.01
N ASP A 398 8.68 -21.64 -8.98
CA ASP A 398 7.46 -20.86 -9.18
C ASP A 398 6.79 -20.57 -7.82
N PRO A 399 6.75 -19.30 -7.38
CA PRO A 399 6.03 -18.99 -6.13
C PRO A 399 4.51 -18.90 -6.34
N ASN A 400 4.07 -18.52 -7.57
CA ASN A 400 2.66 -18.32 -7.93
C ASN A 400 1.86 -19.61 -8.13
N GLU A 401 1.65 -20.34 -7.04
CA GLU A 401 0.84 -21.57 -6.98
C GLU A 401 0.36 -21.76 -5.50
N GLU A 402 -0.71 -22.53 -5.22
CA GLU A 402 -1.42 -23.46 -6.09
C GLU A 402 -2.09 -22.88 -7.37
N LEU A 403 -2.74 -21.71 -7.32
CA LEU A 403 -3.45 -21.17 -8.49
C LEU A 403 -3.04 -19.77 -8.85
N ALA A 404 -3.40 -19.34 -10.07
CA ALA A 404 -3.08 -18.00 -10.61
C ALA A 404 -4.13 -17.60 -11.64
N VAL A 405 -4.41 -16.29 -11.77
CA VAL A 405 -5.43 -15.77 -12.71
C VAL A 405 -5.18 -16.28 -14.14
N ALA A 406 -6.24 -16.72 -14.82
CA ALA A 406 -6.13 -17.25 -16.17
C ALA A 406 -5.79 -16.11 -17.12
N ASP A 407 -4.63 -16.13 -17.78
CA ASP A 407 -4.23 -15.04 -18.68
C ASP A 407 -3.43 -15.59 -19.87
N THR A 408 -2.33 -16.32 -19.58
CA THR A 408 -1.44 -16.89 -20.60
C THR A 408 -2.18 -17.96 -21.41
N GLY A 409 -2.47 -17.65 -22.68
CA GLY A 409 -3.15 -18.56 -23.59
C GLY A 409 -4.66 -18.49 -23.56
N PHE A 410 -5.23 -17.56 -22.76
CA PHE A 410 -6.68 -17.43 -22.65
C PHE A 410 -7.18 -16.25 -23.47
N THR A 411 -8.21 -16.50 -24.32
CA THR A 411 -8.84 -15.50 -25.16
C THR A 411 -10.31 -15.42 -24.76
N LEU A 412 -10.61 -14.66 -23.70
CA LEU A 412 -11.95 -14.56 -23.10
C LEU A 412 -12.75 -13.28 -23.41
N ARG A 413 -14.10 -13.45 -23.41
CA ARG A 413 -15.12 -12.40 -23.55
C ARG A 413 -15.96 -12.45 -22.24
N ALA A 414 -16.69 -11.38 -21.91
CA ALA A 414 -17.53 -11.33 -20.69
C ALA A 414 -19.03 -11.18 -21.08
N VAL A 415 -19.76 -12.30 -21.16
CA VAL A 415 -21.14 -12.32 -21.63
C VAL A 415 -22.15 -12.05 -20.52
N CYS A 416 -23.09 -11.12 -20.74
CA CYS A 416 -24.15 -10.81 -19.77
C CYS A 416 -25.45 -11.47 -20.20
N ARG A 417 -26.18 -12.14 -19.27
CA ARG A 417 -27.47 -12.79 -19.57
C ARG A 417 -28.54 -12.27 -18.63
N ASP A 418 -29.79 -12.31 -19.08
CA ASP A 418 -30.94 -11.89 -18.28
C ASP A 418 -31.59 -13.17 -17.65
N ALA A 419 -32.82 -13.07 -17.09
CA ALA A 419 -33.52 -14.20 -16.50
C ALA A 419 -33.72 -15.32 -17.52
N SER A 420 -34.06 -14.97 -18.78
CA SER A 420 -34.26 -15.99 -19.83
C SER A 420 -32.97 -16.46 -20.48
N GLY A 421 -31.81 -16.21 -19.84
CA GLY A 421 -30.51 -16.58 -20.37
C GLY A 421 -30.12 -15.88 -21.66
N THR A 422 -30.96 -14.95 -22.17
CA THR A 422 -30.69 -14.24 -23.42
C THR A 422 -29.52 -13.31 -23.21
N VAL A 423 -28.59 -13.30 -24.16
CA VAL A 423 -27.41 -12.44 -24.07
C VAL A 423 -27.86 -10.98 -24.20
N ILE A 424 -27.36 -10.13 -23.29
CA ILE A 424 -27.62 -8.69 -23.24
C ILE A 424 -26.29 -7.90 -23.18
N GLY A 425 -25.24 -8.41 -23.82
CA GLY A 425 -23.94 -7.74 -23.87
C GLY A 425 -22.76 -8.67 -23.76
N THR A 426 -21.60 -8.20 -24.26
CA THR A 426 -20.32 -8.89 -24.25
C THR A 426 -19.17 -7.89 -24.10
N ARG A 427 -18.71 -7.63 -22.86
CA ARG A 427 -17.54 -6.77 -22.64
C ARG A 427 -16.26 -7.57 -22.94
N SER A 428 -15.15 -6.87 -23.23
CA SER A 428 -13.89 -7.56 -23.48
C SER A 428 -13.27 -7.91 -22.12
N ALA A 429 -12.82 -9.17 -21.95
CA ALA A 429 -12.21 -9.58 -20.69
C ALA A 429 -10.76 -9.11 -20.68
N PRO A 430 -10.25 -8.58 -19.54
CA PRO A 430 -8.84 -8.16 -19.52
C PRO A 430 -7.92 -9.37 -19.54
N ASN A 431 -8.26 -10.37 -18.73
CA ASN A 431 -7.49 -11.60 -18.62
C ASN A 431 -8.32 -12.72 -17.98
N GLY A 432 -8.95 -12.41 -16.86
CA GLY A 432 -9.77 -13.35 -16.09
C GLY A 432 -10.67 -12.62 -15.11
N HIS A 433 -10.18 -11.55 -14.49
CA HIS A 433 -10.95 -10.76 -13.56
C HIS A 433 -12.16 -10.07 -14.21
N ILE A 434 -13.20 -9.78 -13.40
CA ILE A 434 -14.42 -9.09 -13.85
C ILE A 434 -15.19 -8.53 -12.63
N GLN A 435 -15.86 -7.37 -12.79
CA GLN A 435 -16.62 -6.69 -11.72
C GLN A 435 -17.95 -6.17 -12.28
N GLY A 444 -22.83 -3.33 -19.67
CA GLY A 444 -22.93 -2.03 -20.34
C GLY A 444 -24.31 -1.39 -20.23
N VAL A 445 -25.22 -1.73 -21.18
CA VAL A 445 -26.60 -1.22 -21.19
C VAL A 445 -27.48 -2.26 -20.45
N THR A 446 -27.07 -2.56 -19.19
CA THR A 446 -27.67 -3.55 -18.29
C THR A 446 -28.01 -2.94 -16.91
N HIS A 447 -28.78 -3.65 -16.06
CA HIS A 447 -29.17 -3.13 -14.74
C HIS A 447 -29.70 -4.29 -13.82
N ALA A 448 -30.71 -4.08 -12.91
CA ALA A 448 -31.24 -5.15 -12.05
C ALA A 448 -31.81 -6.35 -12.84
N THR A 449 -31.94 -6.24 -14.19
CA THR A 449 -32.41 -7.30 -15.08
C THR A 449 -31.35 -8.41 -15.23
N LEU A 450 -30.04 -8.01 -15.28
CA LEU A 450 -28.89 -8.91 -15.42
C LEU A 450 -28.95 -10.02 -14.38
N HIS A 451 -28.95 -11.28 -14.83
CA HIS A 451 -29.09 -12.47 -13.99
C HIS A 451 -27.79 -13.24 -13.82
N SER A 452 -26.98 -13.39 -14.87
CA SER A 452 -25.73 -14.13 -14.80
C SER A 452 -24.64 -13.55 -15.71
N VAL A 453 -23.38 -13.93 -15.47
CA VAL A 453 -22.26 -13.44 -16.25
C VAL A 453 -21.31 -14.59 -16.65
N GLU A 454 -21.28 -14.92 -17.94
CA GLU A 454 -20.38 -15.95 -18.46
C GLU A 454 -19.00 -15.33 -18.67
N LEU A 455 -17.99 -16.18 -18.86
CA LEU A 455 -16.62 -15.72 -19.06
C LEU A 455 -15.98 -16.68 -20.06
N THR A 456 -16.67 -16.90 -21.20
CA THR A 456 -16.26 -17.86 -22.23
C THR A 456 -15.04 -17.45 -23.03
N GLY A 457 -14.42 -18.42 -23.67
CA GLY A 457 -13.27 -18.22 -24.53
C GLY A 457 -12.69 -19.54 -25.00
N THR A 458 -11.44 -19.49 -25.45
CA THR A 458 -10.68 -20.66 -25.92
C THR A 458 -9.27 -20.58 -25.31
N PHE A 459 -8.73 -21.73 -24.89
CA PHE A 459 -7.43 -21.77 -24.24
C PHE A 459 -6.46 -22.71 -24.96
N THR A 460 -5.36 -22.18 -25.51
CA THR A 460 -4.33 -23.00 -26.14
C THR A 460 -3.31 -23.36 -25.07
N PRO A 461 -3.21 -24.65 -24.63
CA PRO A 461 -2.22 -24.97 -23.59
C PRO A 461 -0.77 -24.91 -24.06
N ARG A 462 0.14 -24.38 -23.21
CA ARG A 462 1.56 -24.25 -23.53
C ARG A 462 2.30 -25.60 -23.48
N GLU A 463 1.95 -26.48 -22.49
CA GLU A 463 2.55 -27.81 -22.27
C GLU A 463 1.44 -28.84 -21.94
N THR A 464 1.61 -30.12 -22.33
CA THR A 464 0.63 -31.20 -22.07
C THR A 464 0.61 -31.50 -20.56
N GLY A 465 -0.48 -32.10 -20.08
CA GLY A 465 -0.60 -32.48 -18.68
C GLY A 465 -1.93 -32.16 -18.06
N THR A 466 -1.95 -32.13 -16.71
CA THR A 466 -3.15 -31.83 -15.94
C THR A 466 -3.18 -30.35 -15.58
N HIS A 467 -4.10 -29.62 -16.21
CA HIS A 467 -4.32 -28.20 -15.97
C HIS A 467 -5.44 -28.10 -14.96
N THR A 468 -5.27 -27.32 -13.87
CA THR A 468 -6.35 -27.13 -12.91
C THR A 468 -7.02 -25.80 -13.19
N PHE A 469 -8.32 -25.74 -12.96
CA PHE A 469 -9.12 -24.53 -13.16
C PHE A 469 -9.86 -24.22 -11.88
N GLY A 470 -9.96 -22.93 -11.58
CA GLY A 470 -10.63 -22.47 -10.37
C GLY A 470 -11.28 -21.12 -10.52
N VAL A 471 -11.55 -20.50 -9.37
CA VAL A 471 -12.20 -19.20 -9.30
C VAL A 471 -11.83 -18.50 -8.00
N LYS A 472 -11.78 -17.18 -8.03
CA LYS A 472 -11.65 -16.39 -6.83
C LYS A 472 -12.90 -15.54 -6.90
N GLY A 473 -13.86 -15.93 -6.07
CA GLY A 473 -15.18 -15.31 -6.00
C GLY A 473 -16.07 -16.07 -5.03
N LEU A 474 -17.34 -15.67 -4.94
CA LEU A 474 -18.29 -16.30 -4.01
C LEU A 474 -19.69 -16.30 -4.64
N GLY A 475 -20.43 -17.39 -4.48
CA GLY A 475 -21.77 -17.52 -5.02
C GLY A 475 -21.91 -18.71 -5.94
N ALA A 476 -22.83 -18.63 -6.91
CA ALA A 476 -23.08 -19.73 -7.83
C ALA A 476 -22.15 -19.76 -9.03
N TYR A 477 -21.46 -20.89 -9.28
CA TYR A 477 -20.52 -21.03 -10.40
C TYR A 477 -20.72 -22.35 -11.16
N THR A 478 -20.55 -22.30 -12.50
CA THR A 478 -20.69 -23.45 -13.40
C THR A 478 -19.56 -23.43 -14.41
N LEU A 479 -18.58 -24.33 -14.26
CA LEU A 479 -17.41 -24.41 -15.12
C LEU A 479 -17.55 -25.51 -16.18
N THR A 480 -17.27 -25.21 -17.46
CA THR A 480 -17.37 -26.20 -18.54
C THR A 480 -16.12 -26.13 -19.47
N VAL A 481 -15.05 -26.82 -19.06
CA VAL A 481 -13.84 -26.89 -19.89
C VAL A 481 -14.15 -27.94 -20.93
N ASP A 482 -14.36 -27.51 -22.18
CA ASP A 482 -14.67 -28.35 -23.33
C ASP A 482 -16.02 -29.07 -23.22
N GLY A 483 -17.09 -28.30 -23.09
CA GLY A 483 -18.44 -28.82 -23.02
C GLY A 483 -18.80 -29.44 -21.69
N THR A 484 -18.02 -30.43 -21.27
CA THR A 484 -18.22 -31.17 -20.02
C THR A 484 -18.21 -30.23 -18.80
N THR A 485 -19.36 -30.17 -18.11
CA THR A 485 -19.52 -29.32 -16.94
C THR A 485 -18.74 -29.94 -15.79
N HIS A 486 -17.51 -29.46 -15.57
CA HIS A 486 -16.67 -29.94 -14.49
C HIS A 486 -17.09 -29.48 -13.11
N PHE A 487 -17.84 -28.39 -13.00
CA PHE A 487 -18.29 -27.89 -11.70
C PHE A 487 -19.62 -27.16 -11.85
N ASP A 488 -20.49 -27.28 -10.85
CA ASP A 488 -21.76 -26.56 -10.83
C ASP A 488 -22.28 -26.57 -9.39
N GLY A 489 -21.76 -25.68 -8.56
CA GLY A 489 -22.13 -25.57 -7.16
C GLY A 489 -22.04 -24.16 -6.62
N VAL A 490 -21.84 -24.02 -5.31
CA VAL A 490 -21.77 -22.75 -4.58
C VAL A 490 -20.42 -22.61 -3.86
N ARG A 491 -20.12 -21.42 -3.27
CA ARG A 491 -18.85 -21.20 -2.58
C ARG A 491 -19.03 -20.28 -1.35
N THR A 492 -19.90 -20.68 -0.41
CA THR A 492 -20.18 -19.90 0.81
C THR A 492 -19.01 -19.97 1.80
N THR A 493 -18.97 -19.03 2.75
CA THR A 493 -17.93 -18.95 3.78
C THR A 493 -18.54 -18.34 5.07
N ASP A 494 -18.00 -18.72 6.24
CA ASP A 494 -18.52 -18.23 7.52
C ASP A 494 -17.99 -16.84 7.95
N THR A 495 -16.90 -16.33 7.31
CA THR A 495 -16.25 -15.08 7.70
C THR A 495 -17.16 -13.88 7.82
N ASP A 496 -16.85 -13.04 8.80
CA ASP A 496 -17.58 -11.81 9.09
C ASP A 496 -17.39 -10.72 8.01
N ASP A 497 -16.39 -10.86 7.12
CA ASP A 497 -16.10 -9.85 6.08
C ASP A 497 -16.16 -10.43 4.64
N PRO A 498 -17.03 -9.92 3.73
CA PRO A 498 -17.03 -10.44 2.34
C PRO A 498 -15.82 -10.04 1.48
N PHE A 499 -15.06 -9.02 1.90
CA PHE A 499 -13.85 -8.58 1.20
C PHE A 499 -12.70 -9.59 1.41
N VAL A 500 -12.64 -10.24 2.60
CA VAL A 500 -11.66 -11.30 2.89
C VAL A 500 -11.90 -12.47 1.92
N SER A 501 -13.20 -12.79 1.71
CA SER A 501 -13.69 -13.86 0.86
C SER A 501 -13.30 -13.68 -0.62
N PHE A 502 -13.49 -12.47 -1.18
CA PHE A 502 -13.14 -12.22 -2.58
C PHE A 502 -11.61 -12.31 -2.80
N PHE A 503 -10.79 -11.47 -2.10
CA PHE A 503 -9.34 -11.49 -2.33
C PHE A 503 -8.62 -12.65 -1.59
N GLY A 504 -9.35 -13.70 -1.23
CA GLY A 504 -8.75 -14.90 -0.68
C GLY A 504 -8.14 -15.74 -1.79
N ALA A 505 -7.33 -16.75 -1.44
CA ALA A 505 -6.69 -17.60 -2.45
C ALA A 505 -7.73 -18.29 -3.36
N PRO A 506 -7.53 -18.34 -4.70
CA PRO A 506 -8.51 -19.01 -5.56
C PRO A 506 -8.74 -20.47 -5.17
N VAL A 507 -9.95 -20.96 -5.42
CA VAL A 507 -10.32 -22.30 -5.05
C VAL A 507 -10.33 -23.22 -6.28
N PRO A 508 -9.59 -24.35 -6.28
CA PRO A 508 -9.60 -25.23 -7.47
C PRO A 508 -10.93 -25.94 -7.59
N LEU A 509 -11.54 -25.90 -8.78
CA LEU A 509 -12.85 -26.52 -9.02
C LEU A 509 -12.72 -27.84 -9.74
N ALA A 510 -11.71 -28.02 -10.62
CA ALA A 510 -11.54 -29.29 -11.34
C ALA A 510 -10.22 -29.42 -12.08
N GLU A 511 -9.68 -30.65 -12.17
CA GLU A 511 -8.46 -30.97 -12.92
C GLU A 511 -8.86 -31.52 -14.28
N VAL A 512 -8.18 -31.11 -15.37
CA VAL A 512 -8.51 -31.58 -16.72
C VAL A 512 -7.23 -31.84 -17.51
N GLU A 513 -7.26 -32.85 -18.41
CA GLU A 513 -6.13 -33.23 -19.24
C GLU A 513 -6.23 -32.59 -20.63
N LEU A 514 -5.39 -31.58 -20.90
CA LEU A 514 -5.38 -30.87 -22.19
C LEU A 514 -4.00 -31.00 -22.85
N THR A 515 -3.94 -31.45 -24.12
CA THR A 515 -2.65 -31.58 -24.81
C THR A 515 -2.24 -30.20 -25.34
N GLU A 516 -0.95 -29.86 -25.25
CA GLU A 516 -0.47 -28.56 -25.72
C GLU A 516 -0.75 -28.34 -27.19
N GLY A 517 -0.86 -27.08 -27.58
CA GLY A 517 -1.15 -26.70 -28.95
C GLY A 517 -2.62 -26.79 -29.28
N THR A 518 -3.27 -27.91 -28.93
CA THR A 518 -4.69 -28.14 -29.21
C THR A 518 -5.60 -27.33 -28.22
N PRO A 519 -6.25 -26.21 -28.63
CA PRO A 519 -7.12 -25.48 -27.68
C PRO A 519 -8.53 -26.08 -27.56
N LEU A 520 -9.22 -25.78 -26.43
CA LEU A 520 -10.61 -26.19 -26.15
C LEU A 520 -11.43 -24.97 -25.65
N GLU A 521 -12.77 -25.06 -25.71
CA GLU A 521 -13.65 -23.97 -25.29
C GLU A 521 -13.87 -23.97 -23.78
N VAL A 522 -13.31 -22.97 -23.07
CA VAL A 522 -13.46 -22.83 -21.61
C VAL A 522 -14.63 -21.88 -21.28
N SER A 523 -15.31 -22.12 -20.16
CA SER A 523 -16.45 -21.28 -19.74
C SER A 523 -16.70 -21.32 -18.23
N LEU A 524 -16.86 -20.15 -17.59
CA LEU A 524 -17.16 -20.05 -16.17
C LEU A 524 -18.31 -19.04 -15.97
N THR A 525 -19.50 -19.52 -15.55
CA THR A 525 -20.69 -18.67 -15.35
C THR A 525 -20.94 -18.42 -13.86
N HIS A 526 -21.40 -17.20 -13.53
CA HIS A 526 -21.73 -16.81 -12.16
C HIS A 526 -23.14 -16.28 -12.15
N VAL A 527 -24.03 -16.83 -11.29
CA VAL A 527 -25.41 -16.36 -11.17
C VAL A 527 -25.44 -15.33 -10.02
N VAL A 528 -26.00 -14.14 -10.31
CA VAL A 528 -26.05 -12.99 -9.41
C VAL A 528 -27.51 -12.59 -9.14
N GLU A 529 -27.84 -12.14 -7.90
CA GLU A 529 -29.23 -11.72 -7.61
C GLU A 529 -29.35 -10.83 -6.34
N LEU A 530 -28.97 -11.34 -5.14
CA LEU A 530 -29.09 -10.57 -3.90
C LEU A 530 -28.03 -10.97 -2.86
N THR A 537 -23.15 -5.14 -3.47
CA THR A 537 -22.21 -5.72 -2.51
C THR A 537 -21.36 -6.87 -3.16
N MET A 538 -21.97 -8.04 -3.46
CA MET A 538 -21.30 -9.20 -4.10
C MET A 538 -21.48 -9.11 -5.62
N LEU A 539 -20.38 -8.86 -6.37
CA LEU A 539 -20.50 -8.71 -7.82
C LEU A 539 -19.15 -8.82 -8.59
N ALA A 540 -18.26 -9.75 -8.20
CA ALA A 540 -16.95 -9.88 -8.87
C ALA A 540 -16.39 -11.28 -8.78
N PHE A 541 -15.79 -11.76 -9.87
CA PHE A 541 -15.20 -13.10 -9.91
C PHE A 541 -14.07 -13.15 -10.95
N SER A 542 -13.26 -14.21 -10.94
CA SER A 542 -12.14 -14.33 -11.88
C SER A 542 -11.87 -15.77 -12.21
N LEU A 543 -11.62 -16.09 -13.49
CA LEU A 543 -11.25 -17.45 -13.86
C LEU A 543 -9.77 -17.61 -13.52
N CYS A 544 -9.43 -18.72 -12.90
CA CYS A 544 -8.06 -19.04 -12.50
C CYS A 544 -7.64 -20.35 -13.13
N HIS A 545 -6.36 -20.50 -13.33
CA HIS A 545 -5.80 -21.70 -13.94
C HIS A 545 -4.37 -21.90 -13.45
N GLN A 546 -3.99 -23.17 -13.21
CA GLN A 546 -2.64 -23.53 -12.80
C GLN A 546 -2.01 -24.23 -14.00
N GLU A 547 -0.78 -23.81 -14.39
CA GLU A 547 -0.06 -24.46 -15.48
C GLU A 547 0.22 -25.94 -15.09
N PRO A 548 0.32 -26.88 -16.05
CA PRO A 548 0.57 -28.28 -15.66
C PRO A 548 1.87 -28.45 -14.85
N GLN A 549 1.87 -29.49 -14.01
CA GLN A 549 2.94 -29.88 -13.06
C GLN A 549 4.39 -29.68 -13.56
N ARG A 550 5.25 -29.04 -12.75
CA ARG A 550 6.68 -28.86 -13.05
C ARG A 550 7.47 -29.32 -11.82
N ASP A 551 8.44 -30.25 -11.97
CA ASP A 551 9.17 -30.77 -10.82
C ASP A 551 10.00 -29.66 -10.19
N PRO A 552 9.88 -29.42 -8.87
CA PRO A 552 10.68 -28.35 -8.25
C PRO A 552 12.17 -28.64 -8.23
N ASP A 553 12.53 -29.92 -8.02
CA ASP A 553 13.92 -30.32 -7.95
C ASP A 553 14.61 -30.26 -9.31
N GLU A 554 13.90 -30.60 -10.41
CA GLU A 554 14.49 -30.48 -11.75
C GLU A 554 14.57 -29.02 -12.18
N LEU A 555 13.66 -28.15 -11.68
CA LEU A 555 13.69 -26.73 -11.99
C LEU A 555 14.96 -26.13 -11.40
N ILE A 556 15.25 -26.49 -10.14
CA ILE A 556 16.45 -26.03 -9.43
C ILE A 556 17.71 -26.66 -10.04
N ALA A 557 17.62 -27.86 -10.62
CA ALA A 557 18.75 -28.50 -11.30
C ALA A 557 19.14 -27.71 -12.55
N GLU A 558 18.17 -27.36 -13.42
CA GLU A 558 18.42 -26.61 -14.66
C GLU A 558 18.89 -25.17 -14.39
N ALA A 559 18.48 -24.59 -13.24
CA ALA A 559 18.90 -23.24 -12.84
C ALA A 559 20.32 -23.27 -12.31
N VAL A 560 20.71 -24.34 -11.58
CA VAL A 560 22.07 -24.47 -11.08
C VAL A 560 23.05 -24.55 -12.26
N GLU A 561 22.67 -25.18 -13.38
CA GLU A 561 23.54 -25.25 -14.56
C GLU A 561 23.84 -23.87 -15.10
N ALA A 562 22.85 -22.96 -15.07
CA ALA A 562 22.99 -21.57 -15.49
C ALA A 562 23.80 -20.79 -14.45
N ALA A 563 23.65 -21.11 -13.14
CA ALA A 563 24.45 -20.47 -12.09
C ALA A 563 25.94 -20.86 -12.29
N ARG A 564 26.18 -22.13 -12.63
CA ARG A 564 27.50 -22.65 -12.92
C ARG A 564 28.08 -21.98 -14.18
N ALA A 565 27.24 -21.70 -15.20
CA ALA A 565 27.62 -21.08 -16.48
C ALA A 565 27.57 -19.53 -16.50
N ALA A 566 28.01 -18.86 -15.43
CA ALA A 566 27.98 -17.39 -15.39
C ALA A 566 28.98 -16.77 -14.40
N ASP A 567 29.37 -15.52 -14.67
CA ASP A 567 30.27 -14.78 -13.80
C ASP A 567 29.49 -14.36 -12.52
N THR A 568 28.21 -14.01 -12.67
CA THR A 568 27.31 -13.67 -11.57
C THR A 568 25.93 -14.26 -11.82
N ALA A 569 25.25 -14.72 -10.76
CA ALA A 569 23.89 -15.24 -10.85
C ALA A 569 22.92 -14.20 -10.24
N VAL A 570 21.84 -13.86 -10.92
CA VAL A 570 20.86 -12.89 -10.39
C VAL A 570 19.57 -13.65 -10.16
N VAL A 571 19.25 -13.99 -8.90
CA VAL A 571 18.03 -14.74 -8.60
C VAL A 571 17.00 -13.75 -8.06
N VAL A 572 15.87 -13.62 -8.77
CA VAL A 572 14.77 -12.73 -8.36
C VAL A 572 13.79 -13.61 -7.58
N VAL A 573 13.70 -13.37 -6.28
CA VAL A 573 12.86 -14.13 -5.36
C VAL A 573 11.67 -13.25 -4.95
N ALA A 574 10.42 -13.77 -4.89
CA ALA A 574 9.28 -12.92 -4.60
C ALA A 574 8.12 -13.56 -3.84
N THR A 575 7.40 -12.71 -3.08
CA THR A 575 6.15 -13.05 -2.39
C THR A 575 5.04 -12.66 -3.38
N THR A 576 3.93 -13.37 -3.36
CA THR A 576 2.84 -13.19 -4.32
C THR A 576 1.71 -12.25 -3.82
N GLU A 577 0.70 -12.01 -4.67
CA GLU A 577 -0.54 -11.30 -4.33
C GLU A 577 -1.45 -12.21 -3.45
N ARG A 578 -1.21 -13.55 -3.44
CA ARG A 578 -1.91 -14.52 -2.61
C ARG A 578 -1.29 -14.51 -1.19
N VAL A 579 0.04 -14.24 -1.07
CA VAL A 579 0.76 -14.17 0.23
C VAL A 579 0.53 -12.77 0.82
N GLU A 580 0.81 -11.72 0.04
CA GLU A 580 0.68 -10.34 0.49
C GLU A 580 -0.59 -9.74 -0.09
N SER A 581 -1.57 -9.47 0.78
CA SER A 581 -2.88 -8.97 0.37
C SER A 581 -3.70 -8.43 1.55
N GLU A 582 -4.80 -7.72 1.27
CA GLU A 582 -5.71 -7.22 2.31
C GLU A 582 -6.68 -8.36 2.78
N GLY A 583 -7.35 -8.13 3.91
CA GLY A 583 -8.32 -9.08 4.46
C GLY A 583 -7.75 -10.15 5.37
N PHE A 584 -6.49 -10.54 5.18
CA PHE A 584 -5.87 -11.58 6.01
C PHE A 584 -4.39 -11.27 6.27
N ASP A 585 -3.85 -11.86 7.36
CA ASP A 585 -2.45 -11.71 7.75
C ASP A 585 -1.60 -12.89 7.29
N ARG A 586 -0.27 -12.70 7.18
CA ARG A 586 0.64 -13.78 6.81
C ARG A 586 0.85 -14.72 7.97
N LYS A 587 1.19 -15.97 7.67
CA LYS A 587 1.41 -17.00 8.66
C LYS A 587 2.85 -16.99 9.14
N ASP A 588 3.80 -16.72 8.24
CA ASP A 588 5.22 -16.66 8.55
C ASP A 588 5.93 -15.70 7.60
N LEU A 589 7.15 -15.27 7.96
CA LEU A 589 7.94 -14.41 7.09
C LEU A 589 8.80 -15.22 6.11
N ARG A 590 8.50 -16.52 5.91
CA ARG A 590 9.27 -17.35 4.98
C ARG A 590 8.73 -17.18 3.56
N LEU A 591 9.64 -17.31 2.56
CA LEU A 591 9.33 -17.16 1.14
C LEU A 591 8.50 -18.28 0.57
N PRO A 592 7.51 -17.97 -0.32
CA PRO A 592 6.67 -19.03 -0.87
C PRO A 592 7.40 -20.00 -1.79
N GLY A 593 6.87 -21.21 -1.90
CA GLY A 593 7.44 -22.23 -2.76
C GLY A 593 8.80 -22.71 -2.31
N ARG A 594 9.55 -23.27 -3.26
CA ARG A 594 10.91 -23.77 -3.01
C ARG A 594 11.95 -22.71 -3.38
N GLN A 595 11.63 -21.42 -3.17
CA GLN A 595 12.54 -20.33 -3.52
C GLN A 595 13.76 -20.30 -2.60
N ASP A 596 13.60 -20.47 -1.27
CA ASP A 596 14.75 -20.48 -0.36
C ASP A 596 15.76 -21.59 -0.77
N ASP A 597 15.23 -22.78 -1.11
CA ASP A 597 16.03 -23.93 -1.56
C ASP A 597 16.71 -23.65 -2.93
N LEU A 598 16.10 -22.81 -3.77
CA LEU A 598 16.67 -22.39 -5.05
C LEU A 598 17.89 -21.51 -4.80
N VAL A 599 17.76 -20.52 -3.90
CA VAL A 599 18.81 -19.55 -3.57
C VAL A 599 20.05 -20.29 -3.08
N ARG A 600 19.89 -21.21 -2.10
CA ARG A 600 20.98 -21.99 -1.53
C ARG A 600 21.71 -22.85 -2.58
N ALA A 601 20.98 -23.44 -3.52
CA ALA A 601 21.57 -24.26 -4.57
C ALA A 601 22.42 -23.42 -5.53
N VAL A 602 21.93 -22.20 -5.84
CA VAL A 602 22.60 -21.26 -6.73
C VAL A 602 23.84 -20.67 -6.02
N ALA A 603 23.68 -20.27 -4.72
CA ALA A 603 24.76 -19.71 -3.89
C ALA A 603 25.90 -20.70 -3.73
N ALA A 604 25.59 -22.01 -3.66
CA ALA A 604 26.60 -23.04 -3.54
C ALA A 604 27.39 -23.20 -4.86
N ALA A 605 26.67 -23.27 -6.01
CA ALA A 605 27.27 -23.47 -7.34
C ALA A 605 28.08 -22.28 -7.81
N ASN A 606 27.60 -21.06 -7.52
CA ASN A 606 28.26 -19.80 -7.91
C ASN A 606 28.35 -18.87 -6.69
N PRO A 607 29.56 -18.47 -6.23
CA PRO A 607 29.65 -17.58 -5.07
C PRO A 607 29.13 -16.15 -5.29
N ALA A 608 29.38 -15.58 -6.51
CA ALA A 608 28.89 -14.25 -6.87
C ALA A 608 27.39 -14.30 -7.21
N THR A 609 26.52 -14.49 -6.19
CA THR A 609 25.05 -14.53 -6.38
C THR A 609 24.43 -13.25 -5.81
N VAL A 610 23.48 -12.68 -6.56
CA VAL A 610 22.78 -11.48 -6.18
C VAL A 610 21.32 -11.84 -6.04
N VAL A 611 20.76 -11.68 -4.83
CA VAL A 611 19.36 -11.99 -4.60
C VAL A 611 18.58 -10.70 -4.68
N VAL A 612 17.61 -10.63 -5.61
CA VAL A 612 16.73 -9.49 -5.76
C VAL A 612 15.42 -9.89 -5.13
N VAL A 613 15.18 -9.43 -3.91
CA VAL A 613 13.99 -9.73 -3.13
C VAL A 613 12.85 -8.79 -3.56
N ASN A 614 11.86 -9.31 -4.31
CA ASN A 614 10.70 -8.59 -4.81
C ASN A 614 9.48 -8.85 -3.87
N ALA A 615 9.68 -8.56 -2.57
CA ALA A 615 8.69 -8.73 -1.50
C ALA A 615 8.27 -7.37 -0.96
N GLY A 616 6.99 -7.22 -0.63
CA GLY A 616 6.46 -5.98 -0.12
C GLY A 616 6.56 -5.78 1.38
N SER A 617 6.76 -6.89 2.14
CA SER A 617 6.87 -6.87 3.61
C SER A 617 8.14 -7.66 4.06
N PRO A 618 8.58 -7.57 5.34
CA PRO A 618 9.79 -8.30 5.76
C PRO A 618 9.70 -9.79 5.52
N VAL A 619 10.82 -10.37 5.10
CA VAL A 619 10.94 -11.76 4.70
C VAL A 619 12.28 -12.30 5.23
N GLU A 620 12.29 -13.55 5.71
CA GLU A 620 13.47 -14.17 6.30
C GLU A 620 14.49 -14.49 5.21
N LEU A 621 15.75 -14.09 5.45
CA LEU A 621 16.87 -14.24 4.52
C LEU A 621 17.90 -15.16 5.17
N PRO A 622 17.61 -16.48 5.24
CA PRO A 622 18.54 -17.39 5.91
C PRO A 622 19.86 -17.65 5.19
N TRP A 623 19.98 -17.24 3.93
CA TRP A 623 21.16 -17.49 3.12
C TRP A 623 22.00 -16.23 2.87
N ARG A 624 21.91 -15.20 3.76
CA ARG A 624 22.71 -13.99 3.58
C ARG A 624 24.20 -14.29 3.56
N GLU A 625 24.66 -15.17 4.45
CA GLU A 625 26.08 -15.45 4.55
C GLU A 625 26.69 -16.05 3.29
N ASP A 626 25.86 -16.73 2.47
CA ASP A 626 26.33 -17.39 1.25
C ASP A 626 26.29 -16.48 0.02
N VAL A 627 25.23 -15.69 -0.11
CA VAL A 627 25.06 -14.81 -1.26
C VAL A 627 25.96 -13.58 -1.17
N ALA A 628 26.40 -13.10 -2.33
CA ALA A 628 27.28 -11.94 -2.42
C ALA A 628 26.54 -10.63 -2.18
N ALA A 629 25.28 -10.53 -2.63
CA ALA A 629 24.51 -9.30 -2.44
C ALA A 629 23.01 -9.57 -2.32
N VAL A 630 22.30 -8.63 -1.68
CA VAL A 630 20.85 -8.68 -1.50
C VAL A 630 20.29 -7.27 -1.80
N LEU A 631 19.21 -7.23 -2.57
CA LEU A 631 18.60 -5.98 -2.98
C LEU A 631 17.09 -6.10 -2.86
N LEU A 632 16.50 -5.36 -1.91
CA LEU A 632 15.04 -5.37 -1.71
C LEU A 632 14.47 -4.40 -2.74
N THR A 633 13.49 -4.85 -3.53
CA THR A 633 12.86 -4.03 -4.56
C THR A 633 11.36 -3.80 -4.33
N TRP A 634 10.78 -4.38 -3.24
CA TRP A 634 9.37 -4.19 -2.89
C TRP A 634 8.45 -4.73 -4.05
N PHE A 635 7.30 -4.11 -4.36
CA PHE A 635 6.47 -4.46 -5.53
C PHE A 635 6.73 -3.23 -6.42
N PRO A 636 7.73 -3.31 -7.33
CA PRO A 636 8.24 -2.09 -7.99
C PRO A 636 7.49 -1.46 -9.18
N GLY A 637 6.18 -1.69 -9.28
CA GLY A 637 5.37 -1.05 -10.31
C GLY A 637 5.67 -1.46 -11.74
N GLN A 638 4.90 -0.94 -12.69
CA GLN A 638 5.03 -1.32 -14.10
C GLN A 638 6.41 -1.06 -14.72
N GLU A 639 7.20 -0.17 -14.13
CA GLU A 639 8.55 0.12 -14.65
C GLU A 639 9.68 -0.50 -13.80
N GLY A 640 9.34 -1.44 -12.93
CA GLY A 640 10.30 -2.07 -12.05
C GLY A 640 11.45 -2.74 -12.76
N GLY A 641 11.15 -3.48 -13.84
CA GLY A 641 12.16 -4.18 -14.62
C GLY A 641 13.20 -3.27 -15.27
N ALA A 642 12.78 -2.05 -15.65
CA ALA A 642 13.64 -1.05 -16.26
C ALA A 642 14.52 -0.40 -15.19
N ALA A 643 13.96 -0.11 -14.00
CA ALA A 643 14.71 0.47 -12.87
C ALA A 643 15.74 -0.53 -12.32
N LEU A 644 15.35 -1.81 -12.24
CA LEU A 644 16.23 -2.87 -11.77
C LEU A 644 17.36 -3.08 -12.75
N ALA A 645 17.06 -3.07 -14.07
CA ALA A 645 18.12 -3.23 -15.08
C ALA A 645 19.13 -2.06 -14.98
N GLU A 646 18.64 -0.82 -14.81
CA GLU A 646 19.49 0.34 -14.65
C GLU A 646 20.39 0.20 -13.42
N VAL A 647 19.81 -0.19 -12.26
CA VAL A 647 20.58 -0.31 -11.04
C VAL A 647 21.65 -1.42 -11.14
N LEU A 648 21.25 -2.64 -11.56
CA LEU A 648 22.17 -3.77 -11.64
C LEU A 648 23.36 -3.46 -12.57
N THR A 649 23.08 -2.94 -13.78
CA THR A 649 24.14 -2.59 -14.71
C THR A 649 25.03 -1.44 -14.21
N GLY A 650 24.52 -0.61 -13.31
CA GLY A 650 25.26 0.51 -12.75
C GLY A 650 24.90 1.86 -13.34
N ALA A 651 23.89 1.92 -14.23
CA ALA A 651 23.43 3.18 -14.81
C ALA A 651 22.96 4.12 -13.70
N HIS A 652 22.28 3.56 -12.69
CA HIS A 652 21.84 4.29 -11.52
C HIS A 652 22.20 3.50 -10.24
N GLU A 653 22.08 4.17 -9.08
CA GLU A 653 22.39 3.62 -7.76
C GLU A 653 21.08 3.24 -7.04
N PRO A 654 21.03 2.17 -6.23
CA PRO A 654 19.82 1.90 -5.43
C PRO A 654 19.73 2.93 -4.30
N GLY A 655 18.75 3.83 -4.36
CA GLY A 655 18.64 4.91 -3.39
C GLY A 655 17.82 4.65 -2.15
N GLY A 656 17.49 3.40 -1.88
CA GLY A 656 16.65 3.06 -0.74
C GLY A 656 17.36 2.91 0.58
N ARG A 657 16.63 3.19 1.67
CA ARG A 657 17.05 3.09 3.08
C ARG A 657 15.84 2.55 3.85
N LEU A 658 15.91 1.34 4.41
CA LEU A 658 14.80 0.69 5.12
C LEU A 658 13.84 1.61 5.88
N PRO A 659 12.55 1.67 5.51
CA PRO A 659 11.59 2.42 6.33
C PRO A 659 11.04 1.56 7.50
N THR A 660 11.50 0.29 7.62
CA THR A 660 11.03 -0.68 8.60
C THR A 660 12.19 -1.65 8.95
N THR A 661 12.19 -2.17 10.17
CA THR A 661 13.23 -3.08 10.66
C THR A 661 12.96 -4.47 10.10
N TRP A 662 13.97 -5.07 9.45
CA TRP A 662 13.82 -6.42 8.89
C TRP A 662 14.56 -7.43 9.79
N GLY A 663 13.95 -8.58 10.01
CA GLY A 663 14.53 -9.61 10.86
C GLY A 663 13.63 -10.83 11.00
N SER A 664 14.14 -11.89 11.66
CA SER A 664 13.43 -13.15 11.88
C SER A 664 12.19 -12.96 12.70
N LEU A 665 11.21 -13.83 12.49
CA LEU A 665 9.95 -13.75 13.20
C LEU A 665 10.14 -14.08 14.70
N THR A 666 11.08 -15.00 15.01
CA THR A 666 11.38 -15.39 16.40
C THR A 666 12.07 -14.24 17.16
N GLY A 667 12.97 -13.55 16.47
CA GLY A 667 13.65 -12.38 17.02
C GLY A 667 12.72 -11.19 17.17
N ALA A 668 11.73 -11.06 16.25
CA ALA A 668 10.73 -9.98 16.24
C ALA A 668 9.94 -9.89 17.55
N PRO A 669 10.09 -8.79 18.33
CA PRO A 669 9.38 -8.68 19.62
C PRO A 669 7.89 -8.34 19.59
N VAL A 670 7.35 -7.80 18.48
CA VAL A 670 5.92 -7.46 18.39
C VAL A 670 5.37 -8.09 17.13
N THR A 671 4.76 -9.30 17.29
CA THR A 671 4.21 -10.10 16.18
C THR A 671 2.71 -10.44 16.32
N GLN A 672 2.07 -10.30 17.51
CA GLN A 672 0.68 -10.72 17.69
C GLN A 672 -0.34 -10.01 16.79
N VAL A 673 -0.85 -10.74 15.79
CA VAL A 673 -1.88 -10.23 14.88
C VAL A 673 -3.27 -10.82 15.20
N THR A 674 -3.31 -12.03 15.79
CA THR A 674 -4.56 -12.74 16.05
C THR A 674 -5.26 -12.35 17.37
N PRO A 675 -6.53 -11.90 17.31
CA PRO A 675 -7.22 -11.50 18.55
C PRO A 675 -7.82 -12.64 19.39
N THR A 676 -7.30 -12.83 20.60
CA THR A 676 -7.85 -13.84 21.53
C THR A 676 -9.05 -13.26 22.29
N ALA A 677 -10.12 -14.05 22.42
CA ALA A 677 -11.38 -13.65 23.03
C ALA A 677 -11.90 -12.33 22.41
N GLY A 678 -11.75 -12.23 21.08
CA GLY A 678 -12.14 -11.08 20.27
C GLY A 678 -11.52 -9.77 20.69
N GLU A 679 -10.26 -9.80 21.12
CA GLU A 679 -9.58 -8.61 21.61
C GLU A 679 -8.12 -8.68 21.24
N LEU A 680 -7.56 -7.56 20.71
CA LEU A 680 -6.14 -7.50 20.41
C LEU A 680 -5.52 -6.42 21.27
N VAL A 681 -4.79 -6.85 22.29
CA VAL A 681 -4.14 -5.94 23.21
C VAL A 681 -2.83 -5.49 22.59
N TYR A 682 -2.55 -4.20 22.67
CA TYR A 682 -1.30 -3.63 22.18
C TYR A 682 -0.40 -3.44 23.43
N ASP A 683 -0.02 -4.54 24.09
CA ASP A 683 0.77 -4.52 25.34
C ASP A 683 2.16 -3.87 25.23
N GLU A 684 2.80 -3.91 24.05
CA GLU A 684 4.09 -3.26 23.82
C GLU A 684 4.06 -1.76 24.08
N GLY A 685 2.89 -1.14 23.90
CA GLY A 685 2.66 0.28 24.13
C GLY A 685 3.37 1.18 23.14
N VAL A 686 4.13 2.14 23.68
CA VAL A 686 4.89 3.12 22.89
C VAL A 686 6.07 2.47 22.10
N PHE A 687 6.33 1.16 22.29
CA PHE A 687 7.47 0.48 21.67
C PHE A 687 7.14 -0.43 20.50
N ILE A 688 7.15 0.09 19.27
CA ILE A 688 6.94 -0.76 18.08
C ILE A 688 8.13 -0.57 17.12
N GLY A 689 8.36 -1.58 16.28
CA GLY A 689 9.46 -1.53 15.34
C GLY A 689 10.80 -1.48 16.04
N TYR A 690 11.65 -0.52 15.67
CA TYR A 690 12.97 -0.39 16.29
C TYR A 690 12.87 -0.14 17.80
N ARG A 691 11.88 0.62 18.24
CA ARG A 691 11.70 0.90 19.67
C ARG A 691 11.52 -0.42 20.48
N ALA A 692 10.79 -1.38 19.90
CA ALA A 692 10.58 -2.69 20.52
C ALA A 692 11.87 -3.55 20.48
N TRP A 693 12.64 -3.52 19.38
CA TRP A 693 13.88 -4.29 19.29
C TRP A 693 14.89 -3.77 20.32
N ASP A 694 14.95 -2.42 20.52
CA ASP A 694 15.87 -1.84 21.51
C ASP A 694 15.45 -2.30 22.94
N LYS A 695 14.16 -2.15 23.28
CA LYS A 695 13.64 -2.52 24.60
C LYS A 695 13.95 -3.96 24.97
N GLU A 696 14.05 -4.86 23.99
CA GLU A 696 14.28 -6.27 24.25
C GLU A 696 15.71 -6.77 23.98
N ASP A 697 16.70 -5.90 23.66
CA ASP A 697 18.08 -6.37 23.41
C ASP A 697 18.22 -7.16 22.06
N ARG A 698 17.10 -7.49 21.39
CA ARG A 698 17.13 -8.25 20.16
C ARG A 698 17.64 -7.38 19.03
N THR A 699 18.71 -7.80 18.34
CA THR A 699 19.25 -7.01 17.23
C THR A 699 18.75 -7.65 15.92
N PRO A 700 18.18 -6.85 15.01
CA PRO A 700 17.62 -7.42 13.78
C PRO A 700 18.67 -7.76 12.75
N THR A 701 18.25 -8.43 11.66
CA THR A 701 19.16 -8.75 10.57
C THR A 701 19.67 -7.44 9.92
N TYR A 702 18.73 -6.52 9.55
CA TYR A 702 19.02 -5.21 8.97
C TYR A 702 18.16 -4.20 9.71
N PRO A 703 18.75 -3.14 10.33
CA PRO A 703 17.96 -2.19 11.12
C PRO A 703 17.30 -1.06 10.32
N PHE A 704 16.32 -0.38 10.97
CA PHE A 704 15.61 0.77 10.40
C PHE A 704 16.59 1.85 9.92
N GLY A 705 16.40 2.30 8.69
CA GLY A 705 17.26 3.29 8.08
C GLY A 705 18.51 2.72 7.44
N HIS A 706 18.69 1.37 7.44
CA HIS A 706 19.87 0.76 6.82
C HIS A 706 19.69 0.67 5.29
N GLY A 707 20.79 0.81 4.59
CA GLY A 707 20.83 0.80 3.14
C GLY A 707 22.18 1.28 2.67
N LEU A 708 22.64 0.74 1.54
CA LEU A 708 23.93 1.08 0.92
C LEU A 708 23.65 1.55 -0.53
N GLY A 709 24.56 2.33 -1.11
CA GLY A 709 24.44 2.78 -2.50
C GLY A 709 25.58 2.20 -3.29
N TYR A 710 26.22 3.00 -4.14
CA TYR A 710 27.41 2.58 -4.87
C TYR A 710 28.59 3.57 -4.57
N THR A 711 28.62 4.19 -3.37
CA THR A 711 29.69 5.13 -2.98
C THR A 711 29.78 5.23 -1.44
N ASP A 712 30.93 5.69 -0.90
CA ASP A 712 31.14 5.82 0.55
C ASP A 712 30.81 7.22 1.03
N TRP A 713 30.36 7.34 2.28
CA TRP A 713 30.01 8.63 2.86
C TRP A 713 30.67 8.82 4.20
N THR A 714 31.40 9.92 4.37
CA THR A 714 32.09 10.24 5.62
C THR A 714 31.42 11.47 6.22
N TYR A 715 30.77 11.30 7.38
CA TYR A 715 30.13 12.43 8.06
C TYR A 715 31.24 13.17 8.73
N GLU A 716 31.38 14.47 8.44
CA GLU A 716 32.50 15.25 8.95
C GLU A 716 32.13 16.32 9.97
N SER A 717 30.87 16.80 9.98
CA SER A 717 30.47 17.83 10.93
C SER A 717 29.01 17.80 11.30
N LEU A 718 28.71 18.04 12.58
CA LEU A 718 27.37 18.12 13.16
C LEU A 718 27.35 19.30 14.14
N ASP A 719 26.53 20.30 13.83
CA ASP A 719 26.36 21.47 14.67
C ASP A 719 24.86 21.61 14.95
N VAL A 720 24.48 21.62 16.23
CA VAL A 720 23.09 21.80 16.61
C VAL A 720 22.97 23.13 17.37
N THR A 721 22.07 24.00 16.90
CA THR A 721 21.79 25.27 17.56
C THR A 721 20.33 25.21 18.02
N GLY A 722 20.13 25.02 19.31
CA GLY A 722 18.80 24.88 19.86
C GLY A 722 18.20 23.57 19.42
N THR A 723 17.37 23.60 18.36
CA THR A 723 16.72 22.42 17.77
C THR A 723 17.02 22.29 16.25
N THR A 724 18.08 22.97 15.75
CA THR A 724 18.45 22.95 14.33
C THR A 724 19.80 22.29 14.13
N ALA A 725 19.78 21.06 13.57
CA ALA A 725 21.01 20.32 13.29
C ALA A 725 21.47 20.57 11.86
N THR A 726 22.77 20.85 11.71
CA THR A 726 23.41 21.13 10.43
C THR A 726 24.50 20.09 10.27
N VAL A 727 24.41 19.27 9.20
CA VAL A 727 25.30 18.14 8.97
C VAL A 727 26.06 18.24 7.65
N ARG A 728 27.42 18.19 7.69
CA ARG A 728 28.28 18.19 6.50
C ARG A 728 28.70 16.73 6.26
N VAL A 729 28.45 16.22 5.05
CA VAL A 729 28.80 14.83 4.71
C VAL A 729 29.65 14.83 3.42
N ARG A 730 30.63 13.91 3.33
CA ARG A 730 31.56 13.81 2.19
C ARG A 730 31.34 12.57 1.38
N ASN A 731 31.32 12.69 0.04
CA ASN A 731 31.27 11.52 -0.82
C ASN A 731 32.73 11.09 -0.90
N THR A 732 33.10 9.96 -0.28
CA THR A 732 34.48 9.43 -0.30
C THR A 732 34.52 8.11 -1.08
N GLY A 733 33.89 8.15 -2.26
CA GLY A 733 33.78 7.00 -3.15
C GLY A 733 34.11 7.35 -4.58
N THR A 734 34.09 6.34 -5.43
CA THR A 734 34.45 6.48 -6.83
C THR A 734 33.38 7.13 -7.69
N ARG A 735 32.12 7.20 -7.22
CA ARG A 735 31.05 7.75 -8.06
C ARG A 735 30.06 8.65 -7.33
N GLU A 736 29.39 9.53 -8.11
CA GLU A 736 28.40 10.47 -7.62
C GLU A 736 27.22 9.68 -7.08
N GLY A 737 26.69 10.08 -5.93
CA GLY A 737 25.56 9.39 -5.32
C GLY A 737 24.79 10.19 -4.32
N ARG A 738 23.71 9.59 -3.81
CA ARG A 738 22.81 10.16 -2.81
C ARG A 738 23.08 9.49 -1.43
N GLU A 739 22.72 10.24 -0.35
CA GLU A 739 22.85 9.76 1.03
C GLU A 739 21.70 10.32 1.84
N THR A 740 21.04 9.49 2.65
CA THR A 740 20.00 9.96 3.54
C THR A 740 20.66 10.15 4.90
N VAL A 741 20.68 11.41 5.38
CA VAL A 741 21.24 11.80 6.65
C VAL A 741 20.14 11.60 7.66
N GLN A 742 20.41 10.80 8.67
CA GLN A 742 19.40 10.45 9.65
C GLN A 742 19.82 10.90 11.04
N LEU A 743 19.03 11.81 11.62
CA LEU A 743 19.30 12.33 12.95
C LEU A 743 18.45 11.60 13.95
N TYR A 744 19.10 11.12 15.02
CA TYR A 744 18.46 10.35 16.08
C TYR A 744 18.70 10.97 17.44
N LEU A 745 17.59 11.39 18.06
CA LEU A 745 17.56 11.96 19.41
C LEU A 745 17.55 10.80 20.42
N ALA A 746 18.19 11.00 21.59
CA ALA A 746 18.26 9.97 22.63
C ALA A 746 18.51 10.60 24.00
N PRO A 747 17.63 10.47 25.01
CA PRO A 747 17.93 11.08 26.32
C PRO A 747 19.17 10.46 26.99
N THR A 748 20.01 11.29 27.62
CA THR A 748 21.22 10.83 28.32
C THR A 748 20.86 9.96 29.53
N THR A 749 19.76 10.27 30.21
CA THR A 749 19.27 9.54 31.38
C THR A 749 18.48 8.29 30.98
N ALA A 750 18.30 7.35 31.93
CA ALA A 750 17.54 6.11 31.74
C ALA A 750 16.09 6.44 31.39
N ASP A 751 15.50 5.60 30.53
CA ASP A 751 14.16 5.83 30.02
C ASP A 751 13.31 4.58 30.05
N GLU A 752 12.69 4.32 31.19
CA GLU A 752 11.72 3.23 31.31
C GLU A 752 10.47 3.72 30.53
N ASN A 753 10.05 4.95 30.84
CA ASN A 753 9.00 5.74 30.19
C ASN A 753 9.14 5.91 28.64
N ARG A 754 10.36 5.85 28.03
CA ARG A 754 10.55 6.16 26.60
C ARG A 754 11.55 5.21 25.87
N PRO A 755 11.66 5.24 24.51
CA PRO A 755 12.69 4.43 23.82
C PRO A 755 14.10 5.03 23.99
N THR A 756 15.16 4.22 23.79
CA THR A 756 16.53 4.73 23.99
C THR A 756 16.85 5.82 22.94
N ARG A 757 16.64 5.52 21.66
CA ARG A 757 16.82 6.48 20.57
C ARG A 757 15.56 6.45 19.71
N TRP A 758 15.36 7.52 18.95
CA TRP A 758 14.29 7.57 17.96
C TRP A 758 14.61 8.60 16.89
N LEU A 759 14.06 8.40 15.70
CA LEU A 759 14.29 9.30 14.59
C LEU A 759 13.68 10.67 14.92
N ALA A 760 14.45 11.76 14.75
CA ALA A 760 13.98 13.13 14.98
C ALA A 760 14.18 14.06 13.75
N GLY A 761 14.66 13.52 12.63
CA GLY A 761 14.85 14.30 11.42
C GLY A 761 15.65 13.55 10.39
N PHE A 762 15.50 13.92 9.12
CA PHE A 762 16.24 13.30 8.01
C PHE A 762 16.32 14.20 6.79
N ALA A 763 17.27 13.92 5.86
CA ALA A 763 17.43 14.70 4.63
C ALA A 763 18.28 13.97 3.61
N THR A 764 17.77 13.83 2.38
CA THR A 764 18.49 13.18 1.28
C THR A 764 19.27 14.24 0.52
N VAL A 765 20.61 14.06 0.42
CA VAL A 765 21.49 14.99 -0.29
C VAL A 765 22.26 14.22 -1.38
N GLU A 766 22.62 14.89 -2.49
CA GLU A 766 23.39 14.30 -3.61
C GLU A 766 24.71 15.05 -3.78
N ALA A 767 25.80 14.33 -4.10
CA ALA A 767 27.10 14.95 -4.29
C ALA A 767 28.02 14.13 -5.20
N ALA A 768 28.92 14.80 -5.94
CA ALA A 768 29.91 14.14 -6.82
C ALA A 768 31.08 13.64 -5.95
N PRO A 769 31.92 12.70 -6.42
CA PRO A 769 33.03 12.21 -5.57
C PRO A 769 33.94 13.31 -5.05
N GLY A 770 34.34 13.20 -3.79
CA GLY A 770 35.14 14.24 -3.13
C GLY A 770 34.30 15.41 -2.62
N GLU A 771 33.30 15.84 -3.42
CA GLU A 771 32.40 16.93 -3.09
C GLU A 771 31.68 16.71 -1.76
N THR A 772 31.40 17.81 -1.05
CA THR A 772 30.72 17.80 0.25
C THR A 772 29.35 18.48 0.14
N ALA A 773 28.35 17.94 0.87
CA ALA A 773 26.99 18.50 0.91
C ALA A 773 26.59 18.73 2.36
N GLU A 774 25.86 19.81 2.62
CA GLU A 774 25.37 20.15 3.97
C GLU A 774 23.90 19.77 4.10
N ALA A 775 23.37 19.82 5.32
CA ALA A 775 21.97 19.48 5.56
C ALA A 775 21.47 20.18 6.82
N VAL A 776 20.68 21.23 6.66
CA VAL A 776 20.10 21.94 7.79
C VAL A 776 18.72 21.29 8.09
N VAL A 777 18.71 20.31 9.00
CA VAL A 777 17.51 19.56 9.40
C VAL A 777 17.05 20.06 10.78
N ARG A 778 15.80 20.54 10.86
CA ARG A 778 15.22 21.01 12.11
C ARG A 778 14.47 19.85 12.73
N LEU A 779 14.78 19.55 14.00
CA LEU A 779 14.11 18.47 14.72
C LEU A 779 12.77 19.04 15.20
N PRO A 780 11.62 18.35 15.01
CA PRO A 780 10.35 18.95 15.45
C PRO A 780 10.28 19.13 16.96
N ARG A 781 9.46 20.09 17.44
CA ARG A 781 9.26 20.27 18.90
C ARG A 781 8.76 18.95 19.52
N ARG A 782 7.88 18.25 18.75
CA ARG A 782 7.29 16.96 19.08
C ARG A 782 8.31 15.87 19.39
N ALA A 783 9.52 15.88 18.78
CA ALA A 783 10.52 14.82 19.04
C ALA A 783 10.92 14.74 20.51
N PHE A 784 10.78 15.82 21.27
CA PHE A 784 11.10 15.83 22.69
C PHE A 784 9.86 15.55 23.57
N GLU A 785 8.66 15.88 23.08
CA GLU A 785 7.42 15.71 23.81
C GLU A 785 6.97 14.25 23.95
N ILE A 786 6.17 14.00 25.00
CA ILE A 786 5.49 12.74 25.34
C ILE A 786 4.05 13.12 25.73
N TRP A 787 3.11 12.15 25.68
CA TRP A 787 1.70 12.45 25.95
C TRP A 787 1.27 12.35 27.43
N ASP A 788 0.68 13.45 27.99
CA ASP A 788 0.13 13.42 29.36
C ASP A 788 -1.30 12.88 29.30
N GLU A 789 -1.49 11.63 29.70
CA GLU A 789 -2.79 10.96 29.66
C GLU A 789 -3.85 11.69 30.52
N THR A 790 -3.44 12.19 31.69
CA THR A 790 -4.36 12.85 32.62
C THR A 790 -4.71 14.30 32.21
N THR A 791 -3.70 15.12 31.90
CA THR A 791 -3.92 16.52 31.50
C THR A 791 -4.55 16.62 30.11
N GLY A 792 -4.29 15.63 29.26
CA GLY A 792 -4.80 15.67 27.90
C GLY A 792 -4.05 16.73 27.12
N ALA A 793 -2.70 16.76 27.30
CA ALA A 793 -1.81 17.72 26.68
C ALA A 793 -0.43 17.08 26.43
N TRP A 794 0.40 17.70 25.56
CA TRP A 794 1.76 17.24 25.29
C TRP A 794 2.72 17.81 26.33
N VAL A 795 3.80 17.07 26.61
CA VAL A 795 4.78 17.40 27.64
C VAL A 795 6.17 17.46 27.05
N TYR A 796 6.72 18.66 26.91
CA TYR A 796 8.07 18.80 26.39
C TYR A 796 9.04 18.34 27.46
N VAL A 797 9.67 17.19 27.22
CA VAL A 797 10.58 16.62 28.21
C VAL A 797 11.92 17.33 28.19
N THR A 798 12.19 18.16 29.22
CA THR A 798 13.45 18.89 29.37
C THR A 798 14.59 17.91 29.77
N GLY A 799 15.84 18.38 29.66
CA GLY A 799 17.01 17.59 30.02
C GLY A 799 18.06 17.54 28.93
N SER A 800 19.11 16.79 29.18
CA SER A 800 20.18 16.63 28.20
C SER A 800 19.89 15.42 27.29
N TYR A 801 20.06 15.61 25.98
CA TYR A 801 19.86 14.63 24.93
C TYR A 801 21.14 14.44 24.13
N GLU A 802 21.18 13.41 23.30
CA GLU A 802 22.30 13.11 22.43
C GLU A 802 21.74 13.10 21.03
N VAL A 803 22.01 14.14 20.25
CA VAL A 803 21.55 14.21 18.86
C VAL A 803 22.66 13.58 18.03
N ALA A 804 22.38 12.48 17.29
CA ALA A 804 23.41 11.81 16.50
C ALA A 804 23.06 11.69 15.02
N ALA A 805 23.99 12.05 14.13
CA ALA A 805 23.80 11.97 12.69
C ALA A 805 24.37 10.63 12.21
N GLY A 806 23.69 9.98 11.28
CA GLY A 806 24.15 8.68 10.80
C GLY A 806 23.55 8.19 9.51
N ARG A 807 24.01 6.99 9.11
CA ARG A 807 23.54 6.28 7.92
C ARG A 807 22.32 5.38 8.24
N SER A 808 22.15 4.97 9.52
CA SER A 808 21.03 4.14 9.99
C SER A 808 20.94 4.28 11.52
N ILE A 809 20.13 3.48 12.24
CA ILE A 809 20.15 3.56 13.72
C ILE A 809 21.45 2.90 14.19
N ALA A 810 21.80 1.73 13.62
CA ALA A 810 23.02 1.02 14.02
C ALA A 810 24.32 1.68 13.55
N ASP A 811 24.25 2.55 12.54
CA ASP A 811 25.43 3.15 11.95
C ASP A 811 25.49 4.64 12.25
N ARG A 812 25.43 4.98 13.54
CA ARG A 812 25.49 6.37 13.98
C ARG A 812 26.93 6.84 13.84
N ARG A 813 27.13 7.92 13.08
CA ARG A 813 28.46 8.41 12.74
C ARG A 813 29.03 9.48 13.68
N THR A 814 28.22 10.48 14.06
CA THR A 814 28.72 11.58 14.90
C THR A 814 27.68 11.96 15.94
N ARG A 815 28.12 12.26 17.16
CA ARG A 815 27.19 12.62 18.23
C ARG A 815 27.55 13.97 18.85
N VAL A 816 26.54 14.57 19.46
CA VAL A 816 26.55 15.88 20.12
C VAL A 816 25.60 15.79 21.32
N THR A 817 25.87 16.54 22.38
CA THR A 817 25.01 16.53 23.57
C THR A 817 24.44 17.95 23.75
N ILE A 818 23.10 18.08 23.79
CA ILE A 818 22.40 19.36 23.91
C ILE A 818 21.35 19.35 25.02
N GLU A 819 20.95 20.54 25.45
CA GLU A 819 19.88 20.71 26.43
C GLU A 819 18.64 21.06 25.61
N ALA A 820 17.50 20.38 25.85
CA ALA A 820 16.29 20.67 25.08
C ALA A 820 15.88 22.17 25.28
N PRO A 821 15.81 23.02 24.22
CA PRO A 821 15.56 24.45 24.46
C PRO A 821 14.20 24.84 25.00
N LYS A 822 14.10 26.00 25.68
CA LYS A 822 12.83 26.49 26.19
C LYS A 822 12.03 27.27 25.12
C1 GOL B . -12.88 -1.32 -1.32
O1 GOL B . -12.47 -1.98 -2.51
C2 GOL B . -11.72 -0.96 -0.43
O2 GOL B . -11.14 0.27 -0.88
C3 GOL B . -12.13 -0.83 1.02
O3 GOL B . -10.99 -0.66 1.87
H11 GOL B . -13.46 -0.43 -1.57
H12 GOL B . -13.59 -1.96 -0.77
HO1 GOL B . -13.31 -2.23 -2.98
H2 GOL B . -10.88 -1.64 -0.52
HO2 GOL B . -10.39 0.50 -0.28
H31 GOL B . -12.81 0.02 1.14
H32 GOL B . -12.68 -1.70 1.33
HO3 GOL B . -11.34 -0.66 2.80
#